data_7C6I
#
_entry.id   7C6I
#
_cell.length_a   62.640
_cell.length_b   92.060
_cell.length_c   70.010
_cell.angle_alpha   90.000
_cell.angle_beta   112.850
_cell.angle_gamma   90.000
#
_symmetry.space_group_name_H-M   'P 1 21 1'
#
loop_
_entity.id
_entity.type
_entity.pdbx_description
1 polymer 'Sugar ABC transporter, periplasmic sugar-binding protein'
2 branched beta-D-glucopyranose-(1-2)-beta-D-glucopyranose
3 non-polymer 'SULFUR DIOXIDE'
4 non-polymer 'CARBON DIOXIDE'
5 non-polymer 'ACETATE ION'
6 non-polymer 'SULFATE ION'
7 non-polymer 1,2-ETHANEDIOL
8 non-polymer 1,3-BUTANEDIOL
9 water water
#
_entity_poly.entity_id   1
_entity_poly.type   'polypeptide(L)'
_entity_poly.pdbx_seq_one_letter_code
;MQKTLEVWIMPNSPQPAEDFKALVAPFEKAHGVEVKVTVLDWGVAWTKITTAATSGVGPDLTQLGTTWVGAISAMGVLEP
VDDVLEALGGEKAYLPAVWRTTRLEGARQATAVPWFSELRAFYYRTDALKAAGVNPAEMFASWQGFEAGLARLKASSFRD
PETKAPLAPLCTPGRTPRTLHNAAPWIWGAGGEIVRQAGGRWQSALNSPESLEGLYFFLSLAQKGYVPAESLEKNTAQIE
ADFQAGKCAVFASGPWMIQRAQVPEAKGGFAERTAAKNLGVAPYPAGPKGRYTFFGGSNLALFNFSKNKPLAKELLKYLG
GPEAQVRYAQMTGMLPALRSAWSDPSFQQNPLLRTFIQAAQFGRTYPSLAGWGGVENLAVQHLGMAWDLVAQGRLTREAL
KDLMDKASAAINQALRHHHHHH
;
_entity_poly.pdbx_strand_id   A,B
#
loop_
_chem_comp.id
_chem_comp.type
_chem_comp.name
_chem_comp.formula
ACT non-polymer 'ACETATE ION' 'C2 H3 O2 -1'
BGC D-saccharide, beta linking beta-D-glucopyranose 'C6 H12 O6'
BU2 non-polymer 1,3-BUTANEDIOL 'C4 H10 O2'
CO2 non-polymer 'CARBON DIOXIDE' 'C O2'
EDO non-polymer 1,2-ETHANEDIOL 'C2 H6 O2'
SO2 non-polymer 'SULFUR DIOXIDE' 'O2 S'
SO4 non-polymer 'SULFATE ION' 'O4 S -2'
#
# COMPACT_ATOMS: atom_id res chain seq x y z
N MET A 1 -15.46 -7.02 43.85
CA MET A 1 -15.39 -7.18 42.40
C MET A 1 -14.11 -6.51 41.92
N GLN A 2 -13.45 -7.09 40.90
CA GLN A 2 -12.20 -6.54 40.32
C GLN A 2 -12.58 -5.26 39.60
N LYS A 3 -11.72 -4.25 39.69
CA LYS A 3 -11.83 -3.11 38.76
C LYS A 3 -11.51 -3.62 37.35
N THR A 4 -11.74 -2.84 36.31
CA THR A 4 -11.49 -3.27 34.91
C THR A 4 -10.59 -2.27 34.21
N LEU A 5 -9.65 -2.75 33.42
CA LEU A 5 -8.96 -1.95 32.38
C LEU A 5 -9.05 -2.75 31.10
N GLU A 6 -9.10 -2.10 29.96
CA GLU A 6 -9.04 -2.73 28.63
C GLU A 6 -7.82 -2.17 27.90
N VAL A 7 -7.07 -3.04 27.27
CA VAL A 7 -5.90 -2.64 26.42
C VAL A 7 -6.00 -3.31 25.06
N TRP A 8 -5.78 -2.51 24.00
CA TRP A 8 -5.67 -3.05 22.63
C TRP A 8 -4.18 -3.15 22.28
N ILE A 9 -3.76 -4.27 21.75
CA ILE A 9 -2.37 -4.51 21.27
C ILE A 9 -2.42 -5.12 19.89
N MET A 10 -1.29 -5.07 19.24
CA MET A 10 -1.00 -5.75 17.95
C MET A 10 -0.24 -7.04 18.23
N PRO A 11 0.05 -7.87 17.20
CA PRO A 11 0.61 -9.20 17.43
C PRO A 11 2.13 -9.15 17.56
N ASN A 12 2.60 -8.75 18.73
CA ASN A 12 4.00 -8.34 18.98
C ASN A 12 4.89 -9.57 19.32
N SER A 13 4.27 -10.66 19.72
CA SER A 13 4.99 -11.83 20.30
C SER A 13 4.32 -13.10 19.81
N PRO A 14 4.92 -14.29 20.08
CA PRO A 14 4.38 -15.53 19.51
C PRO A 14 2.94 -15.87 19.89
N GLN A 15 2.55 -15.56 21.13
CA GLN A 15 1.18 -15.76 21.66
C GLN A 15 0.73 -14.43 22.25
N PRO A 16 0.31 -13.48 21.36
CA PRO A 16 0.11 -12.10 21.76
C PRO A 16 -0.68 -11.89 23.06
N ALA A 17 -1.92 -12.43 23.13
CA ALA A 17 -2.79 -12.17 24.29
C ALA A 17 -2.20 -12.85 25.53
N GLU A 18 -1.84 -14.12 25.40
CA GLU A 18 -1.33 -14.92 26.53
C GLU A 18 -0.06 -14.29 27.09
N ASP A 19 0.86 -13.88 26.23
CA ASP A 19 2.12 -13.22 26.65
C ASP A 19 1.83 -11.91 27.38
N PHE A 20 0.90 -11.11 26.86
CA PHE A 20 0.54 -9.82 27.50
C PHE A 20 -0.06 -10.11 28.89
N LYS A 21 -0.96 -11.09 28.99
CA LYS A 21 -1.66 -11.37 30.25
C LYS A 21 -0.66 -11.87 31.28
N ALA A 22 0.36 -12.62 30.84
CA ALA A 22 1.47 -13.03 31.73
C ALA A 22 2.21 -11.78 32.21
N LEU A 23 2.49 -10.86 31.28
CA LEU A 23 3.27 -9.65 31.57
C LEU A 23 2.55 -8.84 32.65
N VAL A 24 1.21 -8.71 32.58
CA VAL A 24 0.47 -7.78 33.50
C VAL A 24 -0.06 -8.49 34.75
N ALA A 25 0.06 -9.82 34.89
CA ALA A 25 -0.50 -10.55 36.04
C ALA A 25 -0.03 -9.92 37.36
N PRO A 26 1.26 -9.55 37.57
CA PRO A 26 1.69 -8.89 38.81
C PRO A 26 0.97 -7.58 39.11
N PHE A 27 0.68 -6.83 38.05
CA PHE A 27 -0.03 -5.55 38.19
C PHE A 27 -1.47 -5.85 38.62
N GLU A 28 -2.07 -6.86 38.00
CA GLU A 28 -3.47 -7.22 38.30
C GLU A 28 -3.58 -7.53 39.80
N LYS A 29 -2.63 -8.30 40.28
CA LYS A 29 -2.62 -8.79 41.68
C LYS A 29 -2.35 -7.61 42.61
N ALA A 30 -1.47 -6.69 42.24
CA ALA A 30 -1.10 -5.51 43.08
C ALA A 30 -2.29 -4.56 43.23
N HIS A 31 -3.14 -4.39 42.20
CA HIS A 31 -4.15 -3.31 42.13
C HIS A 31 -5.58 -3.84 42.15
N GLY A 32 -5.80 -5.15 42.28
CA GLY A 32 -7.16 -5.72 42.27
C GLY A 32 -7.93 -5.26 41.05
N VAL A 33 -7.31 -5.46 39.89
CA VAL A 33 -7.91 -5.10 38.58
C VAL A 33 -7.74 -6.28 37.65
N GLU A 34 -8.67 -6.47 36.74
CA GLU A 34 -8.51 -7.44 35.66
C GLU A 34 -8.26 -6.64 34.38
N VAL A 35 -7.15 -6.92 33.73
CA VAL A 35 -6.83 -6.23 32.46
C VAL A 35 -7.36 -7.09 31.32
N LYS A 36 -8.29 -6.56 30.54
CA LYS A 36 -8.84 -7.23 29.34
C LYS A 36 -7.92 -6.84 28.18
N VAL A 37 -7.41 -7.80 27.43
CA VAL A 37 -6.60 -7.52 26.21
C VAL A 37 -7.37 -7.94 24.96
N THR A 38 -7.26 -7.13 23.91
CA THR A 38 -7.83 -7.41 22.58
C THR A 38 -6.71 -7.26 21.56
N VAL A 39 -6.44 -8.31 20.78
CA VAL A 39 -5.34 -8.25 19.78
C VAL A 39 -5.90 -7.82 18.42
N LEU A 40 -5.26 -6.83 17.80
CA LEU A 40 -5.68 -6.30 16.46
C LEU A 40 -4.57 -6.55 15.44
N ASP A 41 -4.89 -7.20 14.33
CA ASP A 41 -3.88 -7.32 13.25
C ASP A 41 -3.34 -5.93 12.89
N TRP A 42 -2.05 -5.81 12.57
CA TRP A 42 -1.44 -4.52 12.18
C TRP A 42 -2.20 -3.87 11.03
N GLY A 43 -2.73 -4.66 10.11
CA GLY A 43 -3.38 -4.03 8.95
C GLY A 43 -4.78 -3.52 9.23
N VAL A 44 -5.47 -3.95 10.29
CA VAL A 44 -6.80 -3.42 10.70
C VAL A 44 -6.71 -2.47 11.92
N ALA A 45 -5.59 -2.49 12.66
CA ALA A 45 -5.51 -1.77 13.96
C ALA A 45 -5.76 -0.27 13.79
N TRP A 46 -5.18 0.41 12.77
CA TRP A 46 -5.30 1.87 12.63
C TRP A 46 -6.80 2.31 12.49
N THR A 47 -7.55 1.71 11.61
CA THR A 47 -8.98 2.05 11.38
C THR A 47 -9.73 1.74 12.70
N LYS A 48 -9.48 0.62 13.37
CA LYS A 48 -10.17 0.31 14.65
C LYS A 48 -9.88 1.42 15.66
N ILE A 49 -8.64 1.85 15.76
CA ILE A 49 -8.24 2.91 16.72
C ILE A 49 -8.81 4.29 16.36
N THR A 50 -8.86 4.72 15.08
CA THR A 50 -9.45 6.01 14.70
C THR A 50 -10.98 5.90 14.87
N THR A 51 -11.57 4.74 14.64
CA THR A 51 -13.03 4.51 14.88
C THR A 51 -13.28 4.64 16.40
N ALA A 52 -12.41 4.03 17.22
CA ALA A 52 -12.52 4.24 18.69
C ALA A 52 -12.37 5.73 19.07
N ALA A 53 -11.38 6.44 18.57
CA ALA A 53 -11.04 7.84 18.85
C ALA A 53 -12.24 8.75 18.57
N THR A 54 -12.84 8.60 17.41
CA THR A 54 -13.95 9.48 16.98
C THR A 54 -15.28 9.09 17.65
N SER A 55 -15.55 7.82 17.90
CA SER A 55 -16.82 7.34 18.51
C SER A 55 -16.79 7.59 20.03
N GLY A 56 -15.57 7.70 20.61
CA GLY A 56 -15.48 7.83 22.08
C GLY A 56 -15.77 6.54 22.81
N VAL A 57 -15.63 5.39 22.14
CA VAL A 57 -15.90 4.04 22.67
C VAL A 57 -14.67 3.20 22.36
N GLY A 58 -14.10 2.57 23.37
CA GLY A 58 -12.87 1.82 23.09
C GLY A 58 -12.22 1.37 24.39
N PRO A 59 -10.90 1.06 24.33
CA PRO A 59 -10.17 0.61 25.49
C PRO A 59 -9.80 1.81 26.36
N ASP A 60 -9.13 1.51 27.47
CA ASP A 60 -8.44 2.56 28.28
C ASP A 60 -7.17 2.88 27.55
N LEU A 61 -6.36 1.86 27.31
CA LEU A 61 -5.02 2.05 26.66
C LEU A 61 -5.04 1.39 25.29
N THR A 62 -4.35 2.01 24.36
CA THR A 62 -4.06 1.37 23.07
C THR A 62 -2.57 1.41 22.78
N GLN A 63 -2.07 0.33 22.21
CA GLN A 63 -0.79 0.38 21.49
C GLN A 63 -0.92 1.30 20.28
N LEU A 64 0.16 2.03 19.97
CA LEU A 64 0.26 2.83 18.75
C LEU A 64 1.64 2.56 18.20
N GLY A 65 1.71 2.37 16.87
CA GLY A 65 3.02 2.47 16.25
C GLY A 65 3.58 3.85 16.52
N THR A 66 4.91 3.96 16.67
CA THR A 66 5.54 5.28 16.88
C THR A 66 5.09 6.30 15.83
N THR A 67 4.92 5.89 14.58
CA THR A 67 4.59 6.78 13.45
C THR A 67 3.11 7.16 13.47
N TRP A 68 2.30 6.63 14.39
CA TRP A 68 0.87 6.96 14.51
C TRP A 68 0.60 8.03 15.57
N VAL A 69 1.57 8.34 16.42
CA VAL A 69 1.33 9.13 17.63
C VAL A 69 0.88 10.53 17.20
N GLY A 70 1.52 11.12 16.20
CA GLY A 70 1.19 12.53 15.80
C GLY A 70 -0.25 12.59 15.33
N ALA A 71 -0.65 11.66 14.45
CA ALA A 71 -2.02 11.68 13.88
C ALA A 71 -3.06 11.53 15.00
N ILE A 72 -2.93 10.54 15.88
CA ILE A 72 -4.00 10.32 16.89
C ILE A 72 -3.97 11.48 17.87
N SER A 73 -2.80 11.97 18.25
CA SER A 73 -2.66 13.10 19.22
C SER A 73 -3.41 14.34 18.67
N ALA A 74 -3.30 14.63 17.39
CA ALA A 74 -3.85 15.84 16.75
C ALA A 74 -5.37 15.75 16.75
N MET A 75 -5.93 14.56 16.92
CA MET A 75 -7.41 14.35 16.96
C MET A 75 -7.98 14.81 18.32
N GLY A 76 -7.10 15.11 19.28
CA GLY A 76 -7.35 15.72 20.60
C GLY A 76 -7.98 14.74 21.56
N VAL A 77 -7.72 13.44 21.38
CA VAL A 77 -8.49 12.35 22.06
C VAL A 77 -7.62 11.62 23.11
N LEU A 78 -6.39 12.03 23.28
CA LEU A 78 -5.45 11.36 24.20
C LEU A 78 -5.23 12.24 25.43
N GLU A 79 -5.08 11.54 26.52
CA GLU A 79 -4.79 12.13 27.84
C GLU A 79 -3.30 12.42 27.96
N PRO A 80 -2.93 13.60 28.49
CA PRO A 80 -1.53 13.92 28.76
C PRO A 80 -0.89 12.88 29.70
N VAL A 81 0.37 12.54 29.42
CA VAL A 81 1.11 11.51 30.18
C VAL A 81 2.47 12.09 30.57
N ASP A 82 2.62 13.42 30.62
CA ASP A 82 3.90 14.00 31.09
C ASP A 82 4.18 13.45 32.50
N ASP A 83 3.14 13.29 33.31
CA ASP A 83 3.29 12.83 34.71
C ASP A 83 3.94 11.45 34.74
N VAL A 84 3.44 10.53 33.90
CA VAL A 84 3.94 9.14 33.83
C VAL A 84 5.38 9.15 33.35
N LEU A 85 5.68 9.97 32.35
CA LEU A 85 7.04 10.03 31.78
C LEU A 85 8.01 10.58 32.83
N GLU A 86 7.61 11.59 33.62
CA GLU A 86 8.49 12.07 34.70
C GLU A 86 8.71 10.94 35.73
N ALA A 87 7.68 10.16 36.05
CA ALA A 87 7.79 9.04 37.02
C ALA A 87 8.79 7.99 36.53
N LEU A 88 8.88 7.78 35.23
CA LEU A 88 9.79 6.77 34.63
C LEU A 88 11.22 7.32 34.47
N GLY A 89 11.48 8.59 34.79
CA GLY A 89 12.83 9.16 34.69
C GLY A 89 12.93 10.37 33.78
N GLY A 90 11.85 10.77 33.11
CA GLY A 90 11.78 11.97 32.26
C GLY A 90 12.63 11.84 31.01
N GLU A 91 12.94 12.95 30.34
CA GLU A 91 13.63 12.98 29.03
C GLU A 91 14.93 12.16 29.07
N LYS A 92 15.70 12.19 30.16
CA LYS A 92 17.01 11.51 30.18
C LYS A 92 16.84 9.97 30.21
N ALA A 93 15.66 9.42 30.51
CA ALA A 93 15.42 7.94 30.60
C ALA A 93 15.28 7.35 29.19
N TYR A 94 15.25 8.18 28.15
CA TYR A 94 14.98 7.69 26.77
C TYR A 94 16.03 8.21 25.82
N LEU A 95 16.34 7.39 24.82
CA LEU A 95 17.09 7.92 23.64
C LEU A 95 16.31 9.10 23.05
N PRO A 96 16.96 10.18 22.60
CA PRO A 96 16.23 11.29 22.01
C PRO A 96 15.24 10.93 20.88
N ALA A 97 15.61 10.02 19.98
CA ALA A 97 14.70 9.54 18.89
C ALA A 97 13.45 8.93 19.51
N VAL A 98 13.58 8.24 20.63
CA VAL A 98 12.41 7.59 21.30
C VAL A 98 11.59 8.69 21.99
N TRP A 99 12.23 9.63 22.67
CA TRP A 99 11.53 10.73 23.34
C TRP A 99 10.65 11.49 22.33
N ARG A 100 11.14 11.71 21.13
CA ARG A 100 10.43 12.46 20.05
C ARG A 100 9.06 11.81 19.76
N THR A 101 8.94 10.50 20.00
CA THR A 101 7.70 9.75 19.62
C THR A 101 6.68 9.85 20.77
N THR A 102 6.97 10.59 21.86
CA THR A 102 6.05 10.74 23.01
C THR A 102 4.98 11.82 22.73
N ARG A 103 5.07 12.58 21.64
CA ARG A 103 4.14 13.71 21.40
C ARG A 103 4.02 14.01 19.93
N LEU A 104 2.91 14.66 19.54
CA LEU A 104 2.82 15.40 18.28
C LEU A 104 3.96 16.43 18.21
N GLU A 105 4.64 16.47 17.06
CA GLU A 105 5.66 17.50 16.77
C GLU A 105 5.11 18.86 17.22
N GLY A 106 5.82 19.59 18.09
CA GLY A 106 5.48 20.94 18.52
C GLY A 106 4.48 21.01 19.65
N ALA A 107 3.86 19.89 20.05
CA ALA A 107 2.83 19.85 21.11
C ALA A 107 3.44 20.17 22.49
N ARG A 108 2.67 20.93 23.27
CA ARG A 108 2.96 21.34 24.66
C ARG A 108 3.00 20.10 25.58
N GLN A 109 2.21 19.05 25.34
CA GLN A 109 2.05 17.89 26.27
C GLN A 109 2.38 16.54 25.58
N ALA A 110 2.98 15.62 26.32
CA ALA A 110 3.21 14.21 25.85
C ALA A 110 1.88 13.48 25.87
N THR A 111 1.67 12.64 24.85
CA THR A 111 0.44 11.78 24.79
C THR A 111 0.74 10.30 24.59
N ALA A 112 2.01 9.87 24.61
CA ALA A 112 2.29 8.43 24.49
C ALA A 112 3.52 8.09 25.32
N VAL A 113 3.45 6.90 25.89
CA VAL A 113 4.57 6.32 26.68
C VAL A 113 5.31 5.27 25.83
N PRO A 114 6.65 5.37 25.73
CA PRO A 114 7.36 4.38 24.97
C PRO A 114 7.27 2.97 25.52
N TRP A 115 6.98 2.02 24.62
CA TRP A 115 6.80 0.61 25.03
C TRP A 115 7.97 -0.26 24.60
N PHE A 116 8.23 -0.36 23.30
CA PHE A 116 9.38 -1.11 22.79
C PHE A 116 9.84 -0.50 21.50
N SER A 117 11.12 -0.75 21.21
CA SER A 117 11.79 -0.16 20.04
C SER A 117 12.12 -1.24 18.99
N GLU A 118 11.86 -0.91 17.75
CA GLU A 118 12.30 -1.61 16.54
C GLU A 118 13.53 -0.82 16.05
N LEU A 119 14.62 -1.50 15.80
CA LEU A 119 15.77 -0.84 15.16
C LEU A 119 16.43 -1.87 14.22
N ARG A 120 17.21 -1.36 13.28
CA ARG A 120 17.83 -2.26 12.31
C ARG A 120 19.35 -2.03 12.28
N ALA A 121 20.01 -3.15 12.12
CA ALA A 121 21.47 -3.17 11.88
C ALA A 121 21.77 -4.27 10.86
N PHE A 122 23.01 -4.37 10.43
CA PHE A 122 23.41 -5.34 9.38
C PHE A 122 23.86 -6.63 10.03
N TYR A 123 23.20 -7.70 9.68
CA TYR A 123 23.75 -9.06 9.91
C TYR A 123 24.65 -9.39 8.73
N TYR A 124 25.71 -10.15 9.02
CA TYR A 124 26.66 -10.57 7.98
C TYR A 124 27.16 -11.99 8.31
N ARG A 125 27.54 -12.66 7.23
CA ARG A 125 28.15 -14.02 7.27
C ARG A 125 29.65 -13.84 7.54
N THR A 126 30.13 -14.23 8.73
CA THR A 126 31.55 -13.98 9.06
C THR A 126 32.45 -14.83 8.14
N ASP A 127 31.97 -16.00 7.73
CA ASP A 127 32.71 -16.92 6.83
C ASP A 127 32.83 -16.28 5.44
N ALA A 128 31.73 -15.74 4.90
CA ALA A 128 31.69 -15.06 3.58
C ALA A 128 32.65 -13.88 3.61
N LEU A 129 32.62 -13.05 4.65
CA LEU A 129 33.45 -11.83 4.59
C LEU A 129 34.90 -12.27 4.67
N LYS A 130 35.24 -13.25 5.48
CA LYS A 130 36.65 -13.71 5.55
C LYS A 130 37.08 -14.19 4.14
N ALA A 131 36.27 -15.00 3.47
CA ALA A 131 36.64 -15.61 2.17
C ALA A 131 36.85 -14.49 1.15
N ALA A 132 36.09 -13.42 1.29
CA ALA A 132 36.10 -12.23 0.39
C ALA A 132 37.20 -11.23 0.75
N GLY A 133 37.99 -11.45 1.82
CA GLY A 133 39.03 -10.50 2.28
C GLY A 133 38.47 -9.17 2.72
N VAL A 134 37.24 -9.19 3.28
CA VAL A 134 36.56 -7.97 3.76
C VAL A 134 36.65 -8.00 5.27
N ASN A 135 37.16 -6.91 5.80
CA ASN A 135 37.24 -6.65 7.27
C ASN A 135 35.91 -6.01 7.65
N PRO A 136 35.07 -6.63 8.49
CA PRO A 136 33.77 -6.04 8.83
C PRO A 136 33.93 -4.62 9.40
N ALA A 137 34.98 -4.34 10.18
CA ALA A 137 35.17 -2.99 10.77
C ALA A 137 35.31 -1.96 9.65
N GLU A 138 35.93 -2.31 8.53
CA GLU A 138 36.05 -1.37 7.37
C GLU A 138 34.73 -1.35 6.58
N MET A 139 34.15 -2.51 6.33
CA MET A 139 32.96 -2.57 5.44
C MET A 139 31.82 -1.75 6.06
N PHE A 140 31.65 -1.84 7.37
CA PHE A 140 30.53 -1.15 8.06
C PHE A 140 30.99 0.18 8.68
N ALA A 141 32.14 0.74 8.30
CA ALA A 141 32.53 2.07 8.85
C ALA A 141 31.97 3.21 8.00
N SER A 142 31.92 3.06 6.68
CA SER A 142 31.61 4.14 5.71
C SER A 142 30.90 3.60 4.48
N TRP A 143 30.20 4.48 3.78
CA TRP A 143 29.57 4.10 2.50
C TRP A 143 30.63 3.57 1.55
N GLN A 144 31.82 4.21 1.48
CA GLN A 144 32.85 3.74 0.52
C GLN A 144 33.28 2.32 0.94
N GLY A 145 33.49 2.08 2.22
CA GLY A 145 33.84 0.71 2.69
C GLY A 145 32.73 -0.28 2.43
N PHE A 146 31.46 0.15 2.58
CA PHE A 146 30.29 -0.75 2.35
C PHE A 146 30.30 -1.22 0.89
N GLU A 147 30.35 -0.29 -0.06
CA GLU A 147 30.38 -0.63 -1.51
C GLU A 147 31.63 -1.45 -1.88
N ALA A 148 32.78 -1.13 -1.34
CA ALA A 148 34.06 -1.86 -1.59
C ALA A 148 33.90 -3.31 -1.11
N GLY A 149 33.26 -3.49 0.06
CA GLY A 149 33.02 -4.81 0.65
C GLY A 149 32.05 -5.60 -0.23
N LEU A 150 30.97 -4.96 -0.72
CA LEU A 150 30.06 -5.69 -1.61
C LEU A 150 30.76 -6.12 -2.91
N ALA A 151 31.63 -5.29 -3.44
CA ALA A 151 32.40 -5.62 -4.68
C ALA A 151 33.26 -6.85 -4.43
N ARG A 152 33.89 -6.94 -3.25
CA ARG A 152 34.76 -8.12 -2.93
C ARG A 152 33.84 -9.34 -2.75
N LEU A 153 32.68 -9.16 -2.11
CA LEU A 153 31.72 -10.27 -1.93
C LEU A 153 31.20 -10.76 -3.27
N LYS A 154 30.99 -9.89 -4.26
CA LYS A 154 30.51 -10.29 -5.59
C LYS A 154 31.58 -11.10 -6.31
N ALA A 155 32.82 -10.69 -6.16
CA ALA A 155 33.97 -11.31 -6.87
C ALA A 155 34.34 -12.67 -6.25
N SER A 156 33.96 -12.90 -5.00
CA SER A 156 34.40 -14.08 -4.22
C SER A 156 33.90 -15.36 -4.90
N SER A 157 34.70 -16.43 -4.82
CA SER A 157 34.32 -17.79 -5.26
C SER A 157 33.59 -18.55 -4.15
N PHE A 158 33.42 -17.94 -2.98
CA PHE A 158 32.94 -18.66 -1.79
C PHE A 158 31.59 -19.30 -2.07
N ARG A 159 31.41 -20.56 -1.70
CA ARG A 159 30.05 -21.19 -1.72
C ARG A 159 29.56 -21.46 -0.32
N ASP A 160 28.25 -21.31 -0.10
CA ASP A 160 27.63 -21.73 1.16
C ASP A 160 27.83 -23.25 1.24
N PRO A 161 28.24 -23.80 2.41
CA PRO A 161 28.39 -25.24 2.58
C PRO A 161 27.12 -26.06 2.37
N GLU A 162 25.93 -25.50 2.57
CA GLU A 162 24.66 -26.23 2.47
C GLU A 162 24.05 -26.05 1.09
N THR A 163 24.02 -24.82 0.55
CA THR A 163 23.39 -24.54 -0.77
C THR A 163 24.35 -24.98 -1.89
N LYS A 164 25.65 -25.01 -1.58
CA LYS A 164 26.73 -25.38 -2.52
C LYS A 164 26.82 -24.32 -3.63
N ALA A 165 26.30 -23.13 -3.39
CA ALA A 165 26.21 -22.02 -4.36
C ALA A 165 26.75 -20.75 -3.74
N PRO A 166 27.20 -19.79 -4.58
CA PRO A 166 27.60 -18.46 -4.13
C PRO A 166 26.49 -17.75 -3.36
N LEU A 167 26.90 -16.76 -2.54
CA LEU A 167 25.92 -15.94 -1.79
C LEU A 167 25.77 -14.64 -2.58
N ALA A 168 24.55 -14.12 -2.63
CA ALA A 168 24.41 -12.72 -3.07
C ALA A 168 25.06 -11.83 -2.02
N PRO A 169 25.75 -10.77 -2.46
CA PRO A 169 26.39 -9.89 -1.50
C PRO A 169 25.45 -9.25 -0.49
N LEU A 170 24.30 -8.73 -0.99
CA LEU A 170 23.32 -8.07 -0.12
C LEU A 170 21.93 -8.52 -0.53
N CYS A 171 21.08 -8.76 0.44
CA CYS A 171 19.64 -8.98 0.18
C CYS A 171 18.93 -7.80 0.85
N THR A 172 18.02 -7.21 0.10
CA THR A 172 17.12 -6.18 0.64
C THR A 172 15.81 -6.29 -0.09
N PRO A 173 14.68 -5.98 0.55
CA PRO A 173 13.43 -5.76 -0.17
C PRO A 173 13.57 -4.42 -0.91
N GLY A 174 12.79 -4.27 -1.97
CA GLY A 174 12.72 -3.02 -2.72
C GLY A 174 11.36 -2.41 -2.48
N ARG A 175 10.43 -2.76 -3.35
CA ARG A 175 9.03 -2.34 -3.20
C ARG A 175 8.45 -3.18 -2.07
N THR A 176 8.00 -2.54 -1.00
CA THR A 176 7.28 -3.20 0.14
C THR A 176 6.63 -2.09 0.89
N PRO A 177 5.52 -2.31 1.62
CA PRO A 177 4.91 -1.18 2.32
C PRO A 177 5.88 -0.51 3.29
N ARG A 178 6.94 -1.19 3.75
CA ARG A 178 7.90 -0.65 4.73
C ARG A 178 9.18 -0.16 4.06
N THR A 179 9.10 0.15 2.78
CA THR A 179 10.29 0.53 1.98
C THR A 179 10.90 1.83 2.51
N LEU A 180 10.11 2.73 3.12
CA LEU A 180 10.70 4.01 3.56
C LEU A 180 11.69 3.77 4.71
N HIS A 181 11.44 2.81 5.60
CA HIS A 181 12.31 2.54 6.75
C HIS A 181 13.67 2.02 6.24
N ASN A 182 13.72 1.24 5.13
CA ASN A 182 14.98 0.72 4.59
C ASN A 182 15.77 1.88 3.97
N ALA A 183 15.08 2.82 3.37
CA ALA A 183 15.72 4.00 2.72
C ALA A 183 16.22 5.02 3.72
N ALA A 184 15.50 5.21 4.80
CA ALA A 184 15.71 6.32 5.75
C ALA A 184 17.18 6.47 6.12
N PRO A 185 17.92 5.42 6.55
CA PRO A 185 19.30 5.63 6.98
C PRO A 185 20.20 6.22 5.89
N TRP A 186 19.97 5.83 4.64
CA TRP A 186 20.74 6.35 3.46
C TRP A 186 20.40 7.80 3.18
N ILE A 187 19.12 8.15 3.29
CA ILE A 187 18.70 9.58 3.16
C ILE A 187 19.39 10.40 4.26
N TRP A 188 19.31 9.93 5.50
CA TRP A 188 19.84 10.66 6.65
C TRP A 188 21.37 10.75 6.61
N GLY A 189 22.08 9.68 6.24
CA GLY A 189 23.53 9.63 6.25
C GLY A 189 24.10 10.59 5.22
N ALA A 190 23.34 10.98 4.20
CA ALA A 190 23.79 11.92 3.16
C ALA A 190 23.50 13.36 3.58
N GLY A 191 22.88 13.59 4.72
CA GLY A 191 22.41 14.93 5.16
C GLY A 191 21.00 15.25 4.67
N GLY A 192 20.24 14.27 4.22
CA GLY A 192 18.92 14.45 3.64
C GLY A 192 17.82 14.26 4.66
N GLU A 193 16.60 14.39 4.18
CA GLU A 193 15.42 14.18 5.05
C GLU A 193 14.27 13.68 4.15
N ILE A 194 13.23 13.13 4.77
CA ILE A 194 11.99 12.77 4.04
C ILE A 194 11.15 14.04 4.00
N VAL A 195 10.86 14.64 5.15
CA VAL A 195 10.17 15.95 5.27
C VAL A 195 10.97 16.76 6.26
N ARG A 196 11.09 18.04 6.00
CA ARG A 196 11.79 18.96 6.94
C ARG A 196 11.07 20.29 6.85
N GLN A 197 11.19 21.13 7.86
CA GLN A 197 10.73 22.53 7.73
C GLN A 197 11.64 23.24 6.72
N ALA A 198 11.03 23.88 5.72
CA ALA A 198 11.67 24.74 4.70
C ALA A 198 10.73 25.92 4.46
N GLY A 199 11.26 27.14 4.46
CA GLY A 199 10.44 28.37 4.41
C GLY A 199 9.29 28.41 5.45
N GLY A 200 9.54 27.84 6.65
CA GLY A 200 8.63 27.94 7.81
C GLY A 200 7.47 26.93 7.76
N ARG A 201 7.53 25.90 6.92
CA ARG A 201 6.46 24.85 6.92
C ARG A 201 7.04 23.47 6.61
N TRP A 202 6.35 22.41 7.04
CA TRP A 202 6.81 21.02 6.73
C TRP A 202 6.62 20.77 5.23
N GLN A 203 7.69 20.37 4.56
CA GLN A 203 7.63 20.06 3.12
C GLN A 203 8.51 18.85 2.87
N SER A 204 8.27 18.23 1.71
CA SER A 204 9.12 17.10 1.26
C SER A 204 10.55 17.55 1.07
N ALA A 205 11.51 16.74 1.53
CA ALA A 205 12.92 16.91 1.16
C ALA A 205 13.41 15.67 0.39
N LEU A 206 12.50 14.85 -0.14
CA LEU A 206 12.92 13.64 -0.89
C LEU A 206 13.62 13.99 -2.21
N ASN A 207 13.36 15.18 -2.76
CA ASN A 207 14.01 15.63 -4.03
C ASN A 207 15.16 16.62 -3.75
N SER A 208 15.57 16.74 -2.50
CA SER A 208 16.79 17.54 -2.16
C SER A 208 18.02 16.84 -2.71
N PRO A 209 19.10 17.59 -2.94
CA PRO A 209 20.36 16.96 -3.36
C PRO A 209 20.81 15.84 -2.43
N GLU A 210 20.85 16.10 -1.11
CA GLU A 210 21.38 15.11 -0.15
C GLU A 210 20.48 13.88 -0.17
N SER A 211 19.17 14.08 -0.13
CA SER A 211 18.25 12.90 -0.17
C SER A 211 18.53 12.09 -1.44
N LEU A 212 18.60 12.75 -2.62
CA LEU A 212 18.80 12.04 -3.89
C LEU A 212 20.17 11.31 -3.86
N GLU A 213 21.19 11.91 -3.29
CA GLU A 213 22.54 11.29 -3.19
C GLU A 213 22.43 9.97 -2.40
N GLY A 214 21.79 10.04 -1.23
CA GLY A 214 21.71 8.85 -0.35
C GLY A 214 20.83 7.80 -1.03
N LEU A 215 19.68 8.19 -1.57
CA LEU A 215 18.80 7.17 -2.24
C LEU A 215 19.54 6.52 -3.40
N TYR A 216 20.23 7.27 -4.25
CA TYR A 216 20.90 6.69 -5.43
C TYR A 216 22.05 5.77 -4.99
N PHE A 217 22.80 6.20 -3.95
CA PHE A 217 23.88 5.33 -3.39
C PHE A 217 23.31 3.95 -3.10
N PHE A 218 22.17 3.87 -2.40
CA PHE A 218 21.64 2.58 -1.89
C PHE A 218 20.96 1.83 -3.03
N LEU A 219 20.11 2.52 -3.77
CA LEU A 219 19.28 1.86 -4.78
C LEU A 219 20.19 1.35 -5.90
N SER A 220 21.29 2.04 -6.18
CA SER A 220 22.23 1.71 -7.29
C SER A 220 22.98 0.39 -6.99
N LEU A 221 23.17 0.04 -5.73
CA LEU A 221 23.91 -1.23 -5.39
C LEU A 221 23.29 -2.43 -6.08
N ALA A 222 21.97 -2.53 -6.17
CA ALA A 222 21.27 -3.62 -6.88
C ALA A 222 21.68 -3.64 -8.35
N GLN A 223 21.77 -2.47 -8.99
CA GLN A 223 22.12 -2.39 -10.45
C GLN A 223 23.53 -2.81 -10.76
N LYS A 224 24.40 -2.76 -9.75
CA LYS A 224 25.82 -3.09 -9.88
C LYS A 224 25.97 -4.61 -9.71
N GLY A 225 24.87 -5.34 -9.50
CA GLY A 225 24.89 -6.81 -9.33
C GLY A 225 25.08 -7.22 -7.89
N TYR A 226 24.88 -6.34 -6.91
CA TYR A 226 25.13 -6.70 -5.50
C TYR A 226 23.87 -7.29 -4.84
N VAL A 227 22.70 -7.05 -5.42
CA VAL A 227 21.41 -7.62 -4.93
C VAL A 227 20.73 -8.38 -6.07
N PRO A 228 20.22 -9.58 -5.82
CA PRO A 228 19.42 -10.29 -6.83
C PRO A 228 18.11 -9.57 -7.19
N ALA A 229 17.76 -9.47 -8.48
CA ALA A 229 16.56 -8.67 -8.85
C ALA A 229 15.28 -9.25 -8.20
N GLU A 230 15.22 -10.54 -7.95
CA GLU A 230 14.04 -11.21 -7.31
C GLU A 230 13.90 -10.81 -5.83
N SER A 231 14.98 -10.38 -5.18
CA SER A 231 14.87 -9.76 -3.82
CA SER A 231 14.89 -9.76 -3.84
C SER A 231 13.94 -8.55 -3.86
N LEU A 232 13.89 -7.84 -4.99
CA LEU A 232 13.24 -6.52 -5.06
C LEU A 232 11.71 -6.63 -5.21
N GLU A 233 11.26 -7.88 -5.30
CA GLU A 233 9.88 -8.48 -5.33
C GLU A 233 9.66 -9.38 -4.10
N LYS A 234 10.38 -9.13 -2.99
CA LYS A 234 10.18 -9.97 -1.76
C LYS A 234 9.85 -9.10 -0.58
N ASN A 235 9.07 -9.67 0.35
CA ASN A 235 8.72 -8.94 1.58
C ASN A 235 9.80 -9.15 2.63
N THR A 236 9.65 -8.51 3.75
CA THR A 236 10.65 -8.51 4.82
C THR A 236 10.91 -9.97 5.29
N ALA A 237 9.85 -10.74 5.52
CA ALA A 237 9.99 -12.12 6.05
C ALA A 237 10.71 -13.04 5.05
N GLN A 238 10.41 -12.92 3.74
CA GLN A 238 11.01 -13.76 2.69
C GLN A 238 12.53 -13.49 2.68
N ILE A 239 12.92 -12.25 2.89
CA ILE A 239 14.37 -11.88 2.87
C ILE A 239 15.04 -12.48 4.11
N GLU A 240 14.42 -12.44 5.29
CA GLU A 240 14.98 -13.07 6.50
C GLU A 240 15.17 -14.55 6.21
N ALA A 241 14.19 -15.20 5.55
CA ALA A 241 14.27 -16.63 5.18
C ALA A 241 15.46 -16.89 4.23
N ASP A 242 15.67 -16.02 3.23
CA ASP A 242 16.80 -16.15 2.29
C ASP A 242 18.13 -16.08 3.05
N PHE A 243 18.24 -15.21 4.04
CA PHE A 243 19.51 -15.10 4.80
C PHE A 243 19.68 -16.37 5.63
N GLN A 244 18.64 -16.85 6.32
CA GLN A 244 18.74 -18.09 7.11
C GLN A 244 19.21 -19.24 6.20
N ALA A 245 18.75 -19.23 4.95
CA ALA A 245 18.90 -20.35 3.99
C ALA A 245 20.21 -20.18 3.25
N GLY A 246 21.09 -19.26 3.68
CA GLY A 246 22.44 -19.17 3.08
C GLY A 246 22.49 -18.50 1.71
N LYS A 247 21.52 -17.67 1.33
CA LYS A 247 21.47 -17.03 -0.01
C LYS A 247 22.14 -15.66 -0.04
N CYS A 248 22.45 -15.04 1.12
CA CYS A 248 22.74 -13.59 1.29
C CYS A 248 23.94 -13.51 2.23
N ALA A 249 25.00 -12.79 1.87
CA ALA A 249 26.11 -12.51 2.81
C ALA A 249 25.73 -11.47 3.84
N VAL A 250 24.91 -10.48 3.45
CA VAL A 250 24.63 -9.29 4.31
C VAL A 250 23.16 -8.96 4.18
N PHE A 251 22.50 -8.61 5.27
CA PHE A 251 21.12 -8.10 5.21
C PHE A 251 20.83 -7.36 6.50
N ALA A 252 19.94 -6.36 6.41
CA ALA A 252 19.52 -5.56 7.57
C ALA A 252 18.30 -6.20 8.24
N SER A 253 18.31 -6.26 9.55
CA SER A 253 17.14 -6.72 10.34
C SER A 253 17.25 -6.24 11.78
N GLY A 254 16.26 -6.63 12.59
CA GLY A 254 16.24 -6.27 14.00
C GLY A 254 16.87 -7.36 14.87
N PRO A 255 16.88 -7.13 16.19
CA PRO A 255 17.51 -8.04 17.15
C PRO A 255 16.89 -9.42 17.27
N TRP A 256 15.63 -9.57 16.83
CA TRP A 256 14.92 -10.88 16.87
C TRP A 256 15.72 -11.98 16.13
N MET A 257 16.55 -11.65 15.14
CA MET A 257 17.29 -12.72 14.40
C MET A 257 18.28 -13.43 15.32
N ILE A 258 18.73 -12.78 16.39
CA ILE A 258 19.77 -13.33 17.30
C ILE A 258 19.14 -14.53 18.05
N GLN A 259 17.95 -14.34 18.61
CA GLN A 259 17.24 -15.43 19.35
C GLN A 259 16.88 -16.50 18.33
N ARG A 260 16.44 -16.14 17.12
CA ARG A 260 16.09 -17.19 16.13
C ARG A 260 17.30 -18.06 15.80
N ALA A 261 18.52 -17.49 15.77
CA ALA A 261 19.73 -18.27 15.45
C ALA A 261 20.03 -19.31 16.54
N GLN A 262 19.46 -19.15 17.72
CA GLN A 262 19.74 -20.02 18.87
C GLN A 262 18.80 -21.22 18.88
N VAL A 263 17.71 -21.16 18.13
CA VAL A 263 16.55 -22.11 18.28
C VAL A 263 16.49 -22.99 17.03
N PRO A 264 16.16 -24.29 17.14
CA PRO A 264 16.08 -25.15 15.95
C PRO A 264 14.99 -24.68 15.00
N GLU A 265 15.12 -25.09 13.74
CA GLU A 265 14.11 -24.85 12.70
C GLU A 265 12.73 -25.35 13.14
N ALA A 266 12.68 -26.45 13.84
CA ALA A 266 11.38 -27.05 14.28
C ALA A 266 10.66 -26.05 15.20
N LYS A 267 11.43 -25.21 15.93
CA LYS A 267 10.86 -24.16 16.85
C LYS A 267 10.76 -22.79 16.17
N GLY A 268 10.96 -22.71 14.85
CA GLY A 268 10.82 -21.46 14.08
C GLY A 268 12.16 -20.72 13.94
N GLY A 269 13.24 -21.32 14.41
CA GLY A 269 14.59 -20.71 14.35
C GLY A 269 15.41 -21.21 13.20
N PHE A 270 16.72 -21.09 13.29
CA PHE A 270 17.63 -21.53 12.19
C PHE A 270 18.98 -21.97 12.73
N ALA A 271 19.01 -22.53 13.95
CA ALA A 271 20.26 -22.95 14.63
C ALA A 271 21.04 -23.98 13.78
N GLU A 272 20.39 -24.87 13.03
CA GLU A 272 21.08 -25.86 12.19
C GLU A 272 21.83 -25.28 10.98
N ARG A 273 21.49 -24.07 10.54
CA ARG A 273 22.01 -23.49 9.28
C ARG A 273 23.38 -22.83 9.48
N THR A 274 24.18 -22.89 8.43
CA THR A 274 25.50 -22.27 8.39
C THR A 274 25.42 -20.83 8.92
N ALA A 275 24.37 -20.09 8.52
CA ALA A 275 24.29 -18.64 8.84
C ALA A 275 24.27 -18.47 10.37
N ALA A 276 23.60 -19.35 11.09
CA ALA A 276 23.46 -19.26 12.55
C ALA A 276 24.84 -19.46 13.21
N LYS A 277 25.70 -20.26 12.60
CA LYS A 277 27.02 -20.66 13.11
C LYS A 277 28.11 -19.70 12.61
N ASN A 278 27.79 -18.71 11.79
CA ASN A 278 28.78 -17.75 11.23
C ASN A 278 28.12 -16.37 11.19
N LEU A 279 27.63 -15.92 12.32
CA LEU A 279 26.76 -14.74 12.38
C LEU A 279 27.48 -13.58 13.02
N GLY A 280 27.55 -12.46 12.29
CA GLY A 280 28.01 -11.19 12.85
C GLY A 280 26.97 -10.11 12.71
N VAL A 281 27.15 -9.03 13.45
CA VAL A 281 26.22 -7.89 13.26
CA VAL A 281 26.20 -7.88 13.43
C VAL A 281 27.06 -6.62 13.39
N ALA A 282 26.65 -5.60 12.64
CA ALA A 282 27.30 -4.28 12.70
C ALA A 282 26.22 -3.21 12.52
N PRO A 283 26.40 -2.03 13.12
CA PRO A 283 25.53 -0.89 12.83
C PRO A 283 25.65 -0.50 11.35
N TYR A 284 24.63 0.19 10.83
CA TYR A 284 24.71 0.85 9.51
C TYR A 284 25.98 1.69 9.43
N PRO A 285 26.62 1.77 8.24
CA PRO A 285 27.84 2.55 8.08
C PRO A 285 27.49 4.04 8.17
N ALA A 286 28.48 4.81 8.55
CA ALA A 286 28.39 6.28 8.51
C ALA A 286 28.30 6.72 7.05
N GLY A 287 27.41 7.65 6.80
CA GLY A 287 27.38 8.35 5.52
C GLY A 287 28.23 9.61 5.56
N PRO A 288 28.22 10.39 4.47
CA PRO A 288 29.03 11.61 4.40
C PRO A 288 28.71 12.63 5.50
N LYS A 289 27.49 12.62 6.02
CA LYS A 289 27.03 13.62 6.99
C LYS A 289 26.62 12.95 8.27
N GLY A 290 26.83 11.66 8.45
CA GLY A 290 26.51 11.07 9.75
C GLY A 290 26.17 9.61 9.63
N ARG A 291 26.11 8.97 10.79
CA ARG A 291 25.67 7.58 10.99
C ARG A 291 24.33 7.61 11.70
N TYR A 292 23.31 6.97 11.09
CA TYR A 292 21.96 6.93 11.66
C TYR A 292 21.42 5.49 11.58
N THR A 293 20.76 5.09 12.63
CA THR A 293 20.02 3.81 12.74
C THR A 293 18.54 4.15 12.74
N PHE A 294 17.80 3.56 11.84
CA PHE A 294 16.33 3.70 11.85
C PHE A 294 15.73 3.16 13.16
N PHE A 295 14.88 3.94 13.79
CA PHE A 295 14.06 3.55 14.97
C PHE A 295 12.58 3.62 14.62
N GLY A 296 11.91 2.59 15.00
CA GLY A 296 10.43 2.57 15.13
C GLY A 296 10.09 1.85 16.40
N GLY A 297 9.00 1.09 16.36
CA GLY A 297 8.49 0.44 17.54
C GLY A 297 7.10 0.92 17.89
N SER A 298 6.72 0.72 19.13
CA SER A 298 5.36 1.01 19.61
C SER A 298 5.39 1.69 20.98
N ASN A 299 4.38 2.51 21.19
CA ASN A 299 4.08 3.26 22.42
C ASN A 299 2.69 2.85 22.89
N LEU A 300 2.35 3.32 24.08
CA LEU A 300 1.01 3.10 24.67
C LEU A 300 0.39 4.47 24.95
N ALA A 301 -0.88 4.61 24.67
CA ALA A 301 -1.62 5.86 24.88
C ALA A 301 -2.90 5.60 25.66
N LEU A 302 -3.35 6.66 26.35
CA LEU A 302 -4.53 6.64 27.22
C LEU A 302 -5.60 7.51 26.59
N PHE A 303 -6.75 6.93 26.28
CA PHE A 303 -7.84 7.72 25.66
C PHE A 303 -8.44 8.65 26.69
N ASN A 304 -8.78 9.88 26.32
CA ASN A 304 -9.33 10.85 27.30
C ASN A 304 -10.75 10.48 27.72
N PHE A 305 -11.37 9.46 27.15
CA PHE A 305 -12.72 8.98 27.55
C PHE A 305 -12.58 7.79 28.50
N SER A 306 -11.36 7.39 28.88
CA SER A 306 -11.15 6.33 29.89
C SER A 306 -11.89 6.66 31.20
N LYS A 307 -12.54 5.65 31.78
CA LYS A 307 -13.23 5.83 33.08
C LYS A 307 -12.26 5.76 34.26
N ASN A 308 -11.00 5.42 34.07
CA ASN A 308 -10.09 5.29 35.22
C ASN A 308 -8.69 5.72 34.80
N LYS A 309 -8.50 7.02 34.62
CA LYS A 309 -7.20 7.52 34.18
C LYS A 309 -6.16 7.28 35.25
N PRO A 310 -6.38 7.52 36.57
CA PRO A 310 -5.31 7.18 37.53
C PRO A 310 -4.84 5.73 37.52
N LEU A 311 -5.74 4.76 37.42
CA LEU A 311 -5.32 3.34 37.38
C LEU A 311 -4.69 3.01 36.03
N ALA A 312 -5.25 3.56 34.95
CA ALA A 312 -4.61 3.38 33.63
C ALA A 312 -3.16 3.96 33.62
N LYS A 313 -2.95 5.10 34.29
CA LYS A 313 -1.59 5.68 34.37
C LYS A 313 -0.67 4.78 35.22
N GLU A 314 -1.18 4.14 36.27
CA GLU A 314 -0.39 3.13 37.01
C GLU A 314 0.03 1.98 36.06
N LEU A 315 -0.85 1.53 35.18
CA LEU A 315 -0.51 0.45 34.23
C LEU A 315 0.51 0.95 33.20
N LEU A 316 0.41 2.20 32.73
CA LEU A 316 1.43 2.77 31.83
C LEU A 316 2.78 2.84 32.53
N LYS A 317 2.83 3.29 33.79
CA LYS A 317 4.07 3.32 34.60
C LYS A 317 4.61 1.90 34.70
N TYR A 318 3.75 0.91 34.87
CA TYR A 318 4.24 -0.48 35.02
C TYR A 318 4.84 -1.04 33.71
N LEU A 319 4.09 -0.90 32.62
CA LEU A 319 4.51 -1.39 31.27
C LEU A 319 5.75 -0.62 30.83
N GLY A 320 5.88 0.67 31.20
CA GLY A 320 7.01 1.52 30.78
C GLY A 320 8.24 1.29 31.60
N GLY A 321 8.11 0.58 32.71
CA GLY A 321 9.15 0.51 33.77
C GLY A 321 10.06 -0.69 33.63
N PRO A 322 11.20 -0.69 34.42
CA PRO A 322 12.33 -1.59 34.17
C PRO A 322 11.99 -3.08 34.04
N GLU A 323 11.25 -3.61 35.00
CA GLU A 323 10.96 -5.07 35.01
C GLU A 323 10.18 -5.50 33.73
N ALA A 324 9.07 -4.82 33.49
CA ALA A 324 8.15 -5.13 32.37
C ALA A 324 8.91 -4.89 31.05
N GLN A 325 9.74 -3.85 31.02
CA GLN A 325 10.51 -3.51 29.81
C GLN A 325 11.39 -4.67 29.38
N VAL A 326 12.14 -5.18 30.33
CA VAL A 326 13.04 -6.33 30.02
C VAL A 326 12.21 -7.54 29.58
N ARG A 327 11.16 -7.89 30.33
N ARG A 327 11.16 -7.87 30.33
CA ARG A 327 10.33 -9.09 30.08
CA ARG A 327 10.36 -9.08 30.06
C ARG A 327 9.68 -8.97 28.70
C ARG A 327 9.70 -8.97 28.70
N TYR A 328 9.06 -7.84 28.38
CA TYR A 328 8.38 -7.74 27.07
C TYR A 328 9.38 -7.66 25.91
N ALA A 329 10.57 -7.10 26.08
CA ALA A 329 11.59 -7.12 25.01
C ALA A 329 11.96 -8.58 24.76
N GLN A 330 12.18 -9.36 25.81
CA GLN A 330 12.36 -10.84 25.72
C GLN A 330 11.25 -11.46 24.86
N MET A 331 9.99 -11.20 25.19
CA MET A 331 8.85 -11.90 24.57
C MET A 331 8.79 -11.56 23.07
N THR A 332 9.04 -10.30 22.74
CA THR A 332 8.85 -9.72 21.39
C THR A 332 10.08 -9.84 20.49
N GLY A 333 11.29 -10.00 21.03
CA GLY A 333 12.51 -9.95 20.22
C GLY A 333 12.89 -8.51 19.89
N MET A 334 12.26 -7.53 20.54
CA MET A 334 12.61 -6.09 20.31
C MET A 334 13.58 -5.56 21.37
N LEU A 335 13.93 -4.28 21.28
CA LEU A 335 14.71 -3.59 22.33
C LEU A 335 13.72 -2.94 23.27
N PRO A 336 14.02 -2.89 24.59
CA PRO A 336 13.22 -2.07 25.48
C PRO A 336 13.23 -0.63 24.95
N ALA A 337 12.12 0.08 25.17
CA ALA A 337 12.09 1.54 24.89
C ALA A 337 12.79 2.31 26.02
N LEU A 338 12.77 1.78 27.25
CA LEU A 338 13.39 2.44 28.40
C LEU A 338 14.91 2.20 28.40
N ARG A 339 15.68 3.27 28.32
CA ARG A 339 17.16 3.16 28.09
C ARG A 339 17.87 2.34 29.21
N SER A 340 17.41 2.46 30.46
CA SER A 340 18.01 1.77 31.62
C SER A 340 17.89 0.26 31.44
N ALA A 341 16.85 -0.25 30.79
CA ALA A 341 16.73 -1.70 30.57
C ALA A 341 17.84 -2.24 29.64
N TRP A 342 18.45 -1.40 28.83
CA TRP A 342 19.55 -1.87 27.93
C TRP A 342 20.76 -2.41 28.70
N SER A 343 20.89 -2.04 29.99
CA SER A 343 21.97 -2.48 30.92
CA SER A 343 21.96 -2.49 30.91
C SER A 343 21.67 -3.87 31.52
N ASP A 344 20.48 -4.40 31.33
CA ASP A 344 20.12 -5.72 31.89
C ASP A 344 21.11 -6.75 31.34
N PRO A 345 21.62 -7.68 32.19
CA PRO A 345 22.46 -8.78 31.72
C PRO A 345 21.86 -9.53 30.51
N SER A 346 20.54 -9.58 30.37
CA SER A 346 19.89 -10.28 29.22
C SER A 346 20.34 -9.64 27.88
N PHE A 347 20.78 -8.37 27.86
CA PHE A 347 21.36 -7.70 26.66
C PHE A 347 22.90 -7.78 26.76
N GLN A 348 23.41 -7.50 27.93
CA GLN A 348 24.85 -7.15 28.04
C GLN A 348 25.66 -8.45 27.93
N GLN A 349 25.07 -9.60 28.19
CA GLN A 349 25.93 -10.80 28.26
C GLN A 349 26.17 -11.30 26.81
N ASN A 350 25.33 -10.92 25.85
CA ASN A 350 25.34 -11.47 24.46
C ASN A 350 26.02 -10.49 23.52
N PRO A 351 27.18 -10.79 22.89
CA PRO A 351 27.91 -9.77 22.14
C PRO A 351 27.08 -9.24 20.95
N LEU A 352 26.19 -10.06 20.40
CA LEU A 352 25.38 -9.58 19.25
C LEU A 352 24.36 -8.54 19.72
N LEU A 353 23.73 -8.79 20.87
CA LEU A 353 22.79 -7.80 21.42
C LEU A 353 23.53 -6.56 21.92
N ARG A 354 24.73 -6.70 22.47
CA ARG A 354 25.53 -5.52 22.79
C ARG A 354 25.80 -4.66 21.55
N THR A 355 25.97 -5.24 20.40
CA THR A 355 26.18 -4.49 19.14
C THR A 355 24.88 -3.78 18.76
N PHE A 356 23.72 -4.41 18.92
CA PHE A 356 22.48 -3.63 18.72
C PHE A 356 22.41 -2.42 19.64
N ILE A 357 22.87 -2.55 20.88
CA ILE A 357 22.84 -1.38 21.78
C ILE A 357 23.81 -0.35 21.24
N GLN A 358 24.96 -0.73 20.67
CA GLN A 358 25.88 0.25 20.04
C GLN A 358 25.12 0.92 18.90
N ALA A 359 24.42 0.13 18.09
CA ALA A 359 23.63 0.66 16.93
C ALA A 359 22.57 1.66 17.41
N ALA A 360 22.01 1.38 18.57
CA ALA A 360 20.90 2.15 19.11
C ALA A 360 21.39 3.57 19.39
N GLN A 361 22.67 3.74 19.70
CA GLN A 361 23.19 5.06 20.09
C GLN A 361 22.97 6.05 18.94
N PHE A 362 22.82 5.60 17.68
CA PHE A 362 22.69 6.41 16.45
C PHE A 362 21.23 6.50 16.02
N GLY A 363 20.32 6.12 16.93
CA GLY A 363 18.88 6.04 16.60
C GLY A 363 18.30 7.34 16.11
N ARG A 364 17.40 7.24 15.11
CA ARG A 364 16.75 8.41 14.50
C ARG A 364 15.35 7.94 14.09
N THR A 365 14.34 8.79 14.29
CA THR A 365 12.94 8.49 13.96
C THR A 365 12.44 9.59 13.00
N TYR A 366 11.36 9.31 12.30
CA TYR A 366 10.60 10.33 11.57
C TYR A 366 10.06 11.39 12.52
N PRO A 367 9.86 12.64 12.08
CA PRO A 367 9.16 13.65 12.88
C PRO A 367 7.73 13.17 13.14
N SER A 368 7.19 13.55 14.30
CA SER A 368 5.89 13.06 14.78
CA SER A 368 5.88 13.05 14.79
C SER A 368 4.76 13.90 14.21
N LEU A 369 4.59 13.90 12.90
CA LEU A 369 3.64 14.81 12.22
C LEU A 369 2.24 14.20 12.27
N ALA A 370 1.26 15.10 12.37
CA ALA A 370 -0.15 14.74 12.29
C ALA A 370 -0.42 14.07 10.92
N GLY A 371 0.23 14.55 9.86
CA GLY A 371 0.04 14.10 8.48
C GLY A 371 0.94 12.97 8.06
N TRP A 372 1.68 12.34 8.98
CA TRP A 372 2.74 11.38 8.59
C TRP A 372 2.18 10.24 7.73
N GLY A 373 0.99 9.71 8.05
CA GLY A 373 0.46 8.54 7.34
C GLY A 373 0.38 8.81 5.86
N GLY A 374 -0.08 10.01 5.52
CA GLY A 374 -0.15 10.48 4.14
C GLY A 374 1.23 10.54 3.51
N VAL A 375 2.16 11.19 4.20
CA VAL A 375 3.56 11.35 3.71
C VAL A 375 4.11 9.97 3.38
N GLU A 376 4.02 9.06 4.36
CA GLU A 376 4.63 7.73 4.20
C GLU A 376 3.97 7.00 3.04
N ASN A 377 2.64 6.99 2.96
CA ASN A 377 1.92 6.33 1.84
C ASN A 377 2.49 6.78 0.51
N LEU A 378 2.63 8.10 0.36
CA LEU A 378 3.06 8.71 -0.95
C LEU A 378 4.55 8.40 -1.17
N ALA A 379 5.38 8.50 -0.14
CA ALA A 379 6.83 8.22 -0.28
C ALA A 379 7.01 6.72 -0.66
N VAL A 380 6.21 5.81 -0.08
CA VAL A 380 6.27 4.35 -0.42
C VAL A 380 5.86 4.13 -1.89
N GLN A 381 4.77 4.75 -2.32
CA GLN A 381 4.28 4.65 -3.73
C GLN A 381 5.46 4.99 -4.68
N HIS A 382 6.14 6.13 -4.44
CA HIS A 382 7.16 6.64 -5.37
C HIS A 382 8.49 5.91 -5.21
N LEU A 383 8.88 5.51 -3.99
CA LEU A 383 10.05 4.63 -3.85
C LEU A 383 9.82 3.27 -4.50
N GLY A 384 8.58 2.75 -4.48
CA GLY A 384 8.21 1.55 -5.20
C GLY A 384 8.50 1.68 -6.66
N MET A 385 8.13 2.80 -7.28
CA MET A 385 8.50 2.97 -8.71
C MET A 385 10.01 3.03 -8.94
N ALA A 386 10.77 3.65 -8.04
CA ALA A 386 12.23 3.70 -8.15
C ALA A 386 12.79 2.26 -8.09
N TRP A 387 12.30 1.46 -7.13
CA TRP A 387 12.83 0.09 -6.96
C TRP A 387 12.45 -0.78 -8.17
N ASP A 388 11.32 -0.48 -8.77
CA ASP A 388 10.92 -1.21 -10.01
C ASP A 388 11.91 -0.90 -11.14
N LEU A 389 12.35 0.36 -11.31
CA LEU A 389 13.42 0.67 -12.27
C LEU A 389 14.73 -0.07 -11.90
N VAL A 390 15.10 -0.09 -10.64
CA VAL A 390 16.32 -0.79 -10.17
C VAL A 390 16.27 -2.26 -10.62
N ALA A 391 15.10 -2.88 -10.47
CA ALA A 391 14.94 -4.33 -10.75
C ALA A 391 15.22 -4.57 -12.24
N GLN A 392 14.97 -3.58 -13.11
CA GLN A 392 15.26 -3.61 -14.58
C GLN A 392 16.60 -2.99 -14.94
N GLY A 393 17.37 -2.48 -13.99
CA GLY A 393 18.66 -1.81 -14.28
C GLY A 393 18.52 -0.43 -14.91
N ARG A 394 17.37 0.21 -14.70
CA ARG A 394 16.94 1.45 -15.39
C ARG A 394 16.94 2.68 -14.48
N LEU A 395 17.40 2.59 -13.25
CA LEU A 395 17.42 3.77 -12.38
C LEU A 395 18.65 4.62 -12.74
N THR A 396 18.41 5.78 -13.30
CA THR A 396 19.41 6.86 -13.48
C THR A 396 19.19 7.90 -12.37
N ARG A 397 20.19 8.74 -12.10
CA ARG A 397 20.02 9.90 -11.18
C ARG A 397 18.86 10.76 -11.68
N GLU A 398 18.79 11.01 -12.99
CA GLU A 398 17.69 11.80 -13.58
CA GLU A 398 17.69 11.81 -13.56
C GLU A 398 16.33 11.12 -13.35
N ALA A 399 16.21 9.79 -13.52
CA ALA A 399 14.91 9.10 -13.39
C ALA A 399 14.46 9.16 -11.91
N LEU A 400 15.41 8.92 -11.00
CA LEU A 400 15.18 8.99 -9.55
C LEU A 400 14.71 10.41 -9.22
N LYS A 401 15.43 11.45 -9.67
CA LYS A 401 15.06 12.84 -9.36
C LYS A 401 13.61 13.09 -9.82
N ASP A 402 13.26 12.64 -11.02
CA ASP A 402 11.89 12.88 -11.54
C ASP A 402 10.84 12.20 -10.64
N LEU A 403 11.12 10.98 -10.15
CA LEU A 403 10.19 10.25 -9.24
C LEU A 403 10.05 10.97 -7.92
N MET A 404 11.17 11.48 -7.38
CA MET A 404 11.15 12.20 -6.08
C MET A 404 10.50 13.58 -6.22
N ASP A 405 10.60 14.19 -7.38
CA ASP A 405 9.95 15.49 -7.67
C ASP A 405 8.42 15.24 -7.65
N LYS A 406 7.95 14.17 -8.28
CA LYS A 406 6.52 13.77 -8.24
C LYS A 406 6.09 13.45 -6.80
N ALA A 407 6.89 12.66 -6.06
CA ALA A 407 6.61 12.32 -4.64
C ALA A 407 6.45 13.62 -3.85
N SER A 408 7.35 14.58 -4.07
CA SER A 408 7.38 15.83 -3.27
C SER A 408 6.13 16.69 -3.54
N ALA A 409 5.75 16.84 -4.80
CA ALA A 409 4.49 17.54 -5.15
C ALA A 409 3.30 16.89 -4.45
N ALA A 410 3.19 15.57 -4.49
CA ALA A 410 2.04 14.88 -3.87
C ALA A 410 2.10 15.05 -2.35
N ILE A 411 3.26 14.83 -1.76
CA ILE A 411 3.45 14.93 -0.29
C ILE A 411 3.10 16.37 0.15
N ASN A 412 3.56 17.38 -0.58
CA ASN A 412 3.32 18.77 -0.19
C ASN A 412 1.81 19.09 -0.22
N GLN A 413 1.07 18.54 -1.19
CA GLN A 413 -0.43 18.67 -1.28
C GLN A 413 -1.06 18.04 -0.04
N ALA A 414 -0.59 16.83 0.30
CA ALA A 414 -1.13 16.08 1.45
C ALA A 414 -0.97 16.91 2.73
N LEU A 415 0.23 17.44 2.95
CA LEU A 415 0.58 18.15 4.19
C LEU A 415 -0.30 19.42 4.27
N ARG A 416 -0.51 20.04 3.13
CA ARG A 416 -1.29 21.31 3.06
C ARG A 416 -2.71 21.06 3.48
N HIS A 417 -3.28 19.89 3.09
CA HIS A 417 -4.74 19.60 3.16
C HIS A 417 -5.06 18.73 4.37
N HIS A 418 -4.08 18.42 5.21
CA HIS A 418 -4.29 17.41 6.29
C HIS A 418 -5.44 17.90 7.16
N HIS A 419 -6.43 17.03 7.41
CA HIS A 419 -7.72 17.46 7.99
C HIS A 419 -7.54 17.57 9.51
N HIS A 420 -7.97 18.69 10.10
CA HIS A 420 -8.09 18.83 11.58
C HIS A 420 -9.54 19.15 12.01
N GLN B 2 -40.77 7.19 12.43
CA GLN B 2 -39.72 6.12 12.41
C GLN B 2 -38.61 6.59 11.49
N LYS B 3 -37.37 6.51 11.96
CA LYS B 3 -36.17 7.04 11.28
C LYS B 3 -36.01 6.30 9.96
N THR B 4 -35.81 7.05 8.87
CA THR B 4 -35.61 6.50 7.51
C THR B 4 -34.47 7.27 6.85
N LEU B 5 -33.73 6.54 6.04
CA LEU B 5 -32.78 7.12 5.09
C LEU B 5 -33.18 6.65 3.72
N GLU B 6 -32.93 7.50 2.73
CA GLU B 6 -33.10 7.11 1.31
C GLU B 6 -31.71 7.04 0.68
N VAL B 7 -31.43 5.93 0.02
CA VAL B 7 -30.12 5.72 -0.66
C VAL B 7 -30.35 5.31 -2.11
N TRP B 8 -29.68 5.96 -3.05
CA TRP B 8 -29.70 5.56 -4.49
C TRP B 8 -28.41 4.79 -4.80
N ILE B 9 -28.52 3.65 -5.45
CA ILE B 9 -27.35 2.79 -5.82
C ILE B 9 -27.57 2.36 -7.27
N MET B 10 -26.49 1.87 -7.84
CA MET B 10 -26.43 1.27 -9.20
C MET B 10 -26.49 -0.24 -9.04
N PRO B 11 -26.64 -1.02 -10.14
CA PRO B 11 -26.75 -2.48 -10.05
C PRO B 11 -25.39 -3.16 -9.88
N ASN B 12 -24.88 -3.11 -8.67
CA ASN B 12 -23.46 -3.45 -8.35
C ASN B 12 -23.28 -4.95 -8.13
N SER B 13 -24.36 -5.66 -7.85
CA SER B 13 -24.31 -7.08 -7.44
C SER B 13 -25.49 -7.82 -8.08
N PRO B 14 -25.51 -9.16 -8.02
CA PRO B 14 -26.50 -9.93 -8.79
C PRO B 14 -27.98 -9.60 -8.46
N GLN B 15 -28.27 -9.32 -7.20
CA GLN B 15 -29.61 -8.92 -6.69
C GLN B 15 -29.39 -7.63 -5.93
N PRO B 16 -29.29 -6.50 -6.66
CA PRO B 16 -28.74 -5.27 -6.09
C PRO B 16 -29.48 -4.78 -4.83
N ALA B 17 -30.81 -4.67 -4.88
CA ALA B 17 -31.61 -4.15 -3.73
C ALA B 17 -31.49 -5.14 -2.57
N GLU B 18 -31.78 -6.41 -2.82
CA GLU B 18 -31.76 -7.49 -1.80
C GLU B 18 -30.38 -7.53 -1.12
N ASP B 19 -29.31 -7.50 -1.91
CA ASP B 19 -27.93 -7.56 -1.36
C ASP B 19 -27.65 -6.33 -0.50
N PHE B 20 -28.00 -5.13 -0.94
CA PHE B 20 -27.80 -3.89 -0.16
C PHE B 20 -28.61 -3.96 1.14
N LYS B 21 -29.84 -4.46 1.10
CA LYS B 21 -30.68 -4.55 2.32
C LYS B 21 -30.07 -5.57 3.29
N ALA B 22 -29.49 -6.65 2.80
CA ALA B 22 -28.81 -7.63 3.67
C ALA B 22 -27.58 -6.92 4.24
N LEU B 23 -26.92 -6.09 3.43
CA LEU B 23 -25.67 -5.45 3.86
C LEU B 23 -25.95 -4.56 5.07
N VAL B 24 -27.02 -3.75 5.00
CA VAL B 24 -27.30 -2.67 6.00
C VAL B 24 -28.17 -3.20 7.15
N ALA B 25 -28.69 -4.43 7.11
CA ALA B 25 -29.66 -4.89 8.12
C ALA B 25 -29.09 -4.65 9.51
N PRO B 26 -27.81 -4.96 9.83
CA PRO B 26 -27.30 -4.75 11.20
C PRO B 26 -27.34 -3.30 11.66
N PHE B 27 -27.14 -2.40 10.72
CA PHE B 27 -27.18 -0.94 11.00
C PHE B 27 -28.62 -0.57 11.32
N GLU B 28 -29.54 -1.05 10.52
CA GLU B 28 -30.98 -0.80 10.71
C GLU B 28 -31.39 -1.20 12.13
N LYS B 29 -30.96 -2.39 12.52
CA LYS B 29 -31.39 -3.02 13.79
C LYS B 29 -30.75 -2.21 14.94
N ALA B 30 -29.51 -1.78 14.76
CA ALA B 30 -28.73 -1.10 15.82
C ALA B 30 -29.33 0.29 16.08
N HIS B 31 -29.78 1.00 15.04
CA HIS B 31 -30.25 2.40 15.21
C HIS B 31 -31.76 2.58 15.01
N GLY B 32 -32.52 1.50 14.84
CA GLY B 32 -33.98 1.58 14.60
C GLY B 32 -34.26 2.48 13.43
N VAL B 33 -33.59 2.21 12.31
CA VAL B 33 -33.79 3.00 11.07
C VAL B 33 -34.16 2.05 9.95
N GLU B 34 -34.96 2.51 9.02
CA GLU B 34 -35.24 1.76 7.79
C GLU B 34 -34.49 2.46 6.66
N VAL B 35 -33.61 1.73 6.00
CA VAL B 35 -32.90 2.29 4.83
C VAL B 35 -33.69 1.87 3.59
N LYS B 36 -34.18 2.85 2.86
CA LYS B 36 -34.98 2.67 1.64
C LYS B 36 -34.00 2.78 0.47
N VAL B 37 -33.79 1.68 -0.24
CA VAL B 37 -32.81 1.69 -1.39
C VAL B 37 -33.58 1.78 -2.72
N THR B 38 -33.08 2.57 -3.67
CA THR B 38 -33.57 2.61 -5.06
C THR B 38 -32.40 2.29 -5.97
N VAL B 39 -32.52 1.23 -6.74
CA VAL B 39 -31.54 0.81 -7.75
C VAL B 39 -31.81 1.56 -9.06
N LEU B 40 -30.75 2.15 -9.65
CA LEU B 40 -30.82 2.94 -10.90
C LEU B 40 -29.73 2.47 -11.84
N ASP B 41 -30.05 2.11 -13.08
CA ASP B 41 -28.96 1.80 -14.04
C ASP B 41 -28.05 3.01 -14.15
N TRP B 42 -26.80 2.82 -14.54
CA TRP B 42 -25.79 3.89 -14.55
C TRP B 42 -26.27 5.16 -15.28
N GLY B 43 -26.77 5.06 -16.50
CA GLY B 43 -27.13 6.31 -17.22
C GLY B 43 -28.37 6.98 -16.66
N VAL B 44 -29.35 6.18 -16.19
CA VAL B 44 -30.56 6.66 -15.47
C VAL B 44 -30.09 7.35 -14.18
N ALA B 45 -29.11 6.77 -13.48
CA ALA B 45 -28.55 7.34 -12.24
C ALA B 45 -27.98 8.74 -12.54
N TRP B 46 -27.16 8.92 -13.56
CA TRP B 46 -26.56 10.23 -13.90
C TRP B 46 -27.64 11.33 -14.06
N THR B 47 -28.67 11.06 -14.84
CA THR B 47 -29.80 11.97 -15.06
C THR B 47 -30.46 12.30 -13.72
N LYS B 48 -30.78 11.27 -12.91
CA LYS B 48 -31.52 11.45 -11.64
C LYS B 48 -30.67 12.29 -10.69
N ILE B 49 -29.38 12.02 -10.61
CA ILE B 49 -28.48 12.69 -9.65
C ILE B 49 -28.27 14.16 -10.02
N THR B 50 -28.08 14.45 -11.32
CA THR B 50 -27.87 15.84 -11.79
C THR B 50 -29.20 16.59 -11.59
N THR B 51 -30.33 15.96 -11.84
CA THR B 51 -31.70 16.51 -11.57
C THR B 51 -31.88 16.81 -10.07
N ALA B 52 -31.49 15.89 -9.18
CA ALA B 52 -31.49 16.13 -7.71
C ALA B 52 -30.60 17.34 -7.34
N ALA B 53 -29.38 17.41 -7.87
CA ALA B 53 -28.43 18.52 -7.61
C ALA B 53 -29.08 19.88 -8.00
N THR B 54 -29.68 19.99 -9.17
CA THR B 54 -30.27 21.28 -9.65
C THR B 54 -31.58 21.63 -8.90
N SER B 55 -32.40 20.64 -8.57
CA SER B 55 -33.74 20.82 -7.97
C SER B 55 -33.65 20.95 -6.45
N GLY B 56 -32.59 20.46 -5.81
CA GLY B 56 -32.50 20.41 -4.34
C GLY B 56 -33.46 19.39 -3.72
N VAL B 57 -33.86 18.37 -4.46
CA VAL B 57 -34.75 17.25 -4.02
C VAL B 57 -34.15 15.91 -4.47
N GLY B 58 -33.93 15.03 -3.53
CA GLY B 58 -33.37 13.71 -3.82
C GLY B 58 -33.27 12.87 -2.55
N PRO B 59 -32.40 11.87 -2.58
CA PRO B 59 -32.21 10.93 -1.46
C PRO B 59 -31.33 11.64 -0.42
N ASP B 60 -31.07 10.95 0.68
CA ASP B 60 -29.97 11.34 1.59
C ASP B 60 -28.61 11.03 0.97
N LEU B 61 -28.36 9.77 0.65
CA LEU B 61 -27.08 9.30 0.08
C LEU B 61 -27.31 8.87 -1.36
N THR B 62 -26.31 9.09 -2.19
CA THR B 62 -26.25 8.49 -3.53
C THR B 62 -24.89 7.84 -3.72
N GLN B 63 -24.88 6.72 -4.40
CA GLN B 63 -23.67 6.21 -5.07
C GLN B 63 -23.25 7.21 -6.16
N LEU B 64 -21.95 7.35 -6.35
CA LEU B 64 -21.34 8.08 -7.48
C LEU B 64 -20.25 7.20 -8.05
N GLY B 65 -20.13 7.11 -9.37
CA GLY B 65 -18.87 6.62 -9.91
C GLY B 65 -17.73 7.54 -9.48
N THR B 66 -16.55 6.96 -9.30
CA THR B 66 -15.35 7.77 -8.93
C THR B 66 -15.18 8.95 -9.88
N THR B 67 -15.44 8.77 -11.18
CA THR B 67 -15.20 9.82 -12.19
C THR B 67 -16.30 10.88 -12.17
N TRP B 68 -17.38 10.71 -11.42
CA TRP B 68 -18.46 11.71 -11.25
C TRP B 68 -18.24 12.66 -10.05
N VAL B 69 -17.34 12.38 -9.13
CA VAL B 69 -17.21 13.15 -7.86
C VAL B 69 -16.92 14.62 -8.19
N GLY B 70 -15.99 14.88 -9.11
CA GLY B 70 -15.66 16.27 -9.46
C GLY B 70 -16.88 17.04 -9.95
N ALA B 71 -17.60 16.49 -10.90
CA ALA B 71 -18.75 17.19 -11.53
C ALA B 71 -19.81 17.44 -10.46
N ILE B 72 -20.19 16.45 -9.65
CA ILE B 72 -21.30 16.70 -8.68
C ILE B 72 -20.80 17.61 -7.55
N SER B 73 -19.57 17.47 -7.07
CA SER B 73 -18.97 18.41 -6.08
C SER B 73 -19.02 19.86 -6.57
N ALA B 74 -18.67 20.11 -7.82
CA ALA B 74 -18.47 21.47 -8.36
C ALA B 74 -19.81 22.20 -8.41
N MET B 75 -20.93 21.45 -8.38
CA MET B 75 -22.31 22.00 -8.31
C MET B 75 -22.62 22.63 -6.93
N GLY B 76 -21.80 22.36 -5.93
CA GLY B 76 -21.90 22.85 -4.54
C GLY B 76 -23.01 22.16 -3.74
N VAL B 77 -23.37 20.91 -4.07
CA VAL B 77 -24.54 20.20 -3.51
C VAL B 77 -24.20 19.07 -2.55
N LEU B 78 -22.91 18.83 -2.31
CA LEU B 78 -22.51 17.71 -1.42
C LEU B 78 -22.00 18.21 -0.08
N GLU B 79 -22.37 17.49 0.97
CA GLU B 79 -22.01 17.79 2.35
C GLU B 79 -20.58 17.30 2.53
N PRO B 80 -19.71 18.09 3.19
CA PRO B 80 -18.37 17.63 3.53
C PRO B 80 -18.42 16.37 4.39
N VAL B 81 -17.50 15.44 4.12
CA VAL B 81 -17.48 14.12 4.80
C VAL B 81 -16.06 13.89 5.35
N ASP B 82 -15.29 14.96 5.57
CA ASP B 82 -13.94 14.82 6.18
C ASP B 82 -14.04 14.12 7.52
N ASP B 83 -15.11 14.37 8.30
CA ASP B 83 -15.26 13.74 9.64
C ASP B 83 -15.44 12.22 9.48
N VAL B 84 -16.27 11.81 8.53
CA VAL B 84 -16.50 10.36 8.23
C VAL B 84 -15.12 9.77 7.90
N LEU B 85 -14.39 10.37 6.99
CA LEU B 85 -13.11 9.81 6.51
C LEU B 85 -12.08 9.80 7.63
N GLU B 86 -12.05 10.80 8.50
CA GLU B 86 -11.17 10.72 9.70
C GLU B 86 -11.52 9.48 10.53
N ALA B 87 -12.81 9.20 10.78
CA ALA B 87 -13.23 8.03 11.58
C ALA B 87 -12.70 6.71 11.02
N LEU B 88 -12.65 6.61 9.71
CA LEU B 88 -12.26 5.39 8.95
C LEU B 88 -10.73 5.31 8.85
N GLY B 89 -10.01 6.35 9.30
CA GLY B 89 -8.53 6.31 9.30
C GLY B 89 -7.84 7.35 8.45
N GLY B 90 -8.61 8.16 7.75
CA GLY B 90 -8.12 9.26 6.94
C GLY B 90 -7.25 8.77 5.80
N GLU B 91 -6.34 9.66 5.38
CA GLU B 91 -5.58 9.49 4.13
C GLU B 91 -4.82 8.16 4.19
N LYS B 92 -4.25 7.78 5.33
CA LYS B 92 -3.47 6.56 5.56
C LYS B 92 -4.27 5.31 5.20
N ALA B 93 -5.61 5.29 5.38
CA ALA B 93 -6.44 4.05 5.31
C ALA B 93 -6.82 3.76 3.84
N TYR B 94 -6.35 4.57 2.88
CA TYR B 94 -6.75 4.43 1.45
C TYR B 94 -5.49 4.42 0.59
N LEU B 95 -5.51 3.69 -0.50
CA LEU B 95 -4.49 3.90 -1.55
C LEU B 95 -4.55 5.36 -2.04
N PRO B 96 -3.42 6.04 -2.33
CA PRO B 96 -3.45 7.39 -2.86
C PRO B 96 -4.42 7.59 -4.04
N ALA B 97 -4.48 6.64 -5.00
CA ALA B 97 -5.41 6.73 -6.15
C ALA B 97 -6.85 6.76 -5.66
N VAL B 98 -7.18 6.09 -4.59
CA VAL B 98 -8.55 6.01 -4.06
C VAL B 98 -8.82 7.31 -3.29
N TRP B 99 -7.86 7.76 -2.49
CA TRP B 99 -8.00 9.03 -1.72
C TRP B 99 -8.33 10.19 -2.68
N ARG B 100 -7.73 10.22 -3.87
CA ARG B 100 -7.92 11.35 -4.84
C ARG B 100 -9.41 11.47 -5.23
N THR B 101 -10.15 10.37 -5.16
CA THR B 101 -11.57 10.34 -5.63
C THR B 101 -12.55 10.79 -4.53
N THR B 102 -12.02 11.23 -3.37
CA THR B 102 -12.81 11.69 -2.21
C THR B 102 -13.21 13.15 -2.40
N ARG B 103 -12.69 13.83 -3.41
CA ARG B 103 -12.88 15.28 -3.56
C ARG B 103 -12.74 15.73 -5.01
N LEU B 104 -13.29 16.92 -5.28
CA LEU B 104 -12.90 17.69 -6.48
C LEU B 104 -11.40 17.96 -6.46
N GLU B 105 -10.74 17.72 -7.59
CA GLU B 105 -9.28 17.87 -7.70
C GLU B 105 -8.88 19.23 -7.11
N GLY B 106 -7.97 19.21 -6.11
CA GLY B 106 -7.42 20.43 -5.49
C GLY B 106 -8.25 20.99 -4.35
N ALA B 107 -9.49 20.49 -4.12
CA ALA B 107 -10.33 20.88 -2.97
C ALA B 107 -9.71 20.42 -1.64
N ARG B 108 -9.79 21.31 -0.65
CA ARG B 108 -9.49 20.99 0.75
C ARG B 108 -10.53 20.02 1.31
N GLN B 109 -11.83 20.23 1.07
CA GLN B 109 -12.87 19.40 1.74
C GLN B 109 -13.26 18.15 0.95
N ALA B 110 -13.29 17.00 1.61
CA ALA B 110 -13.78 15.75 0.99
C ALA B 110 -15.32 15.87 0.83
N THR B 111 -15.82 15.36 -0.28
CA THR B 111 -17.25 15.27 -0.56
C THR B 111 -17.74 13.86 -0.93
N ALA B 112 -16.89 12.85 -0.91
CA ALA B 112 -17.31 11.48 -1.18
C ALA B 112 -16.46 10.48 -0.39
N VAL B 113 -17.11 9.41 0.03
CA VAL B 113 -16.57 8.31 0.83
C VAL B 113 -16.35 7.12 -0.07
N PRO B 114 -15.12 6.59 -0.12
CA PRO B 114 -14.89 5.45 -0.99
C PRO B 114 -15.70 4.23 -0.57
N TRP B 115 -16.31 3.61 -1.55
CA TRP B 115 -17.20 2.46 -1.28
C TRP B 115 -16.56 1.17 -1.80
N PHE B 116 -16.33 0.99 -3.08
CA PHE B 116 -15.58 -0.17 -3.57
C PHE B 116 -14.71 0.25 -4.76
N SER B 117 -13.70 -0.56 -5.01
CA SER B 117 -12.72 -0.30 -6.06
C SER B 117 -12.84 -1.31 -7.20
N GLU B 118 -12.86 -0.79 -8.41
CA GLU B 118 -12.66 -1.61 -9.63
C GLU B 118 -11.16 -1.49 -9.95
N LEU B 119 -10.50 -2.59 -10.21
CA LEU B 119 -9.11 -2.51 -10.72
C LEU B 119 -8.93 -3.71 -11.64
N ARG B 120 -7.93 -3.62 -12.51
CA ARG B 120 -7.72 -4.66 -13.52
C ARG B 120 -6.30 -5.14 -13.45
N ALA B 121 -6.21 -6.41 -13.68
CA ALA B 121 -4.95 -7.13 -13.85
C ALA B 121 -5.16 -8.16 -14.95
N PHE B 122 -4.09 -8.85 -15.31
CA PHE B 122 -4.10 -9.85 -16.38
C PHE B 122 -4.32 -11.23 -15.80
N TYR B 123 -5.39 -11.83 -16.26
CA TYR B 123 -5.57 -13.28 -16.12
C TYR B 123 -4.82 -13.97 -17.26
N TYR B 124 -4.29 -15.15 -16.96
CA TYR B 124 -3.59 -16.01 -17.95
C TYR B 124 -3.89 -17.50 -17.67
N ARG B 125 -3.85 -18.25 -18.75
CA ARG B 125 -3.92 -19.72 -18.77
C ARG B 125 -2.54 -20.29 -18.45
N THR B 126 -2.39 -20.87 -17.27
CA THR B 126 -1.06 -21.38 -16.81
C THR B 126 -0.61 -22.49 -17.75
N ASP B 127 -1.55 -23.29 -18.26
CA ASP B 127 -1.27 -24.42 -19.17
C ASP B 127 -0.78 -23.88 -20.51
N ALA B 128 -1.40 -22.86 -21.09
CA ALA B 128 -1.01 -22.22 -22.34
C ALA B 128 0.39 -21.63 -22.20
N LEU B 129 0.69 -20.91 -21.12
CA LEU B 129 2.01 -20.26 -21.04
C LEU B 129 3.05 -21.38 -20.90
N LYS B 130 2.80 -22.38 -20.06
CA LYS B 130 3.79 -23.49 -19.94
C LYS B 130 4.03 -24.11 -21.33
N ALA B 131 2.98 -24.42 -22.07
CA ALA B 131 3.09 -25.08 -23.37
C ALA B 131 3.86 -24.21 -24.36
N ALA B 132 3.77 -22.87 -24.24
CA ALA B 132 4.44 -21.90 -25.12
C ALA B 132 5.88 -21.59 -24.65
N GLY B 133 6.32 -22.14 -23.52
CA GLY B 133 7.64 -21.82 -22.90
C GLY B 133 7.76 -20.36 -22.48
N VAL B 134 6.67 -19.80 -21.97
CA VAL B 134 6.61 -18.43 -21.43
C VAL B 134 6.49 -18.50 -19.92
N ASN B 135 7.39 -17.81 -19.26
CA ASN B 135 7.42 -17.70 -17.80
C ASN B 135 6.54 -16.51 -17.44
N PRO B 136 5.44 -16.69 -16.70
CA PRO B 136 4.55 -15.56 -16.45
C PRO B 136 5.18 -14.39 -15.71
N ALA B 137 6.13 -14.66 -14.77
CA ALA B 137 6.86 -13.63 -14.02
C ALA B 137 7.58 -12.73 -15.01
N GLU B 138 8.10 -13.30 -16.08
CA GLU B 138 8.86 -12.50 -17.09
C GLU B 138 7.87 -11.82 -18.03
N MET B 139 6.79 -12.50 -18.38
CA MET B 139 5.87 -12.00 -19.43
C MET B 139 5.18 -10.75 -18.88
N PHE B 140 4.83 -10.73 -17.60
CA PHE B 140 4.06 -9.57 -17.10
C PHE B 140 4.97 -8.58 -16.41
N ALA B 141 6.30 -8.75 -16.43
CA ALA B 141 7.19 -7.82 -15.72
C ALA B 141 7.26 -6.49 -16.49
N SER B 142 7.30 -6.55 -17.83
CA SER B 142 7.64 -5.40 -18.69
C SER B 142 6.93 -5.49 -20.04
N TRP B 143 6.88 -4.38 -20.74
CA TRP B 143 6.32 -4.38 -22.10
C TRP B 143 7.12 -5.35 -22.97
N GLN B 144 8.45 -5.34 -22.87
CA GLN B 144 9.30 -6.25 -23.67
C GLN B 144 8.92 -7.70 -23.39
N GLY B 145 8.78 -8.07 -22.11
CA GLY B 145 8.39 -9.46 -21.79
C GLY B 145 6.97 -9.77 -22.27
N PHE B 146 6.10 -8.75 -22.25
CA PHE B 146 4.68 -8.95 -22.64
C PHE B 146 4.59 -9.25 -24.16
N GLU B 147 5.21 -8.39 -24.97
CA GLU B 147 5.25 -8.57 -26.46
C GLU B 147 5.93 -9.90 -26.79
N ALA B 148 7.08 -10.20 -26.15
CA ALA B 148 7.84 -11.43 -26.44
C ALA B 148 7.00 -12.66 -26.10
N GLY B 149 6.28 -12.64 -24.98
CA GLY B 149 5.43 -13.77 -24.60
C GLY B 149 4.22 -13.88 -25.53
N LEU B 150 3.62 -12.79 -26.01
CA LEU B 150 2.51 -12.91 -26.97
C LEU B 150 3.01 -13.57 -28.28
N ALA B 151 4.23 -13.23 -28.72
CA ALA B 151 4.81 -13.81 -29.95
C ALA B 151 4.94 -15.32 -29.76
N ARG B 152 5.46 -15.76 -28.60
CA ARG B 152 5.63 -17.20 -28.31
C ARG B 152 4.26 -17.88 -28.20
N LEU B 153 3.26 -17.19 -27.66
CA LEU B 153 1.89 -17.75 -27.58
C LEU B 153 1.28 -17.88 -28.99
N LYS B 154 1.58 -16.97 -29.90
CA LYS B 154 1.05 -17.00 -31.30
C LYS B 154 1.62 -18.26 -31.98
N ALA B 155 2.88 -18.57 -31.71
CA ALA B 155 3.60 -19.70 -32.37
C ALA B 155 3.22 -21.07 -31.78
N SER B 156 2.75 -21.13 -30.54
CA SER B 156 2.49 -22.38 -29.79
C SER B 156 1.51 -23.29 -30.55
N SER B 157 1.78 -24.61 -30.51
CA SER B 157 0.90 -25.65 -31.10
C SER B 157 -0.12 -26.13 -30.05
N PHE B 158 -0.16 -25.50 -28.87
CA PHE B 158 -1.03 -25.98 -27.77
C PHE B 158 -2.50 -25.82 -28.20
N ARG B 159 -3.35 -26.79 -27.88
CA ARG B 159 -4.83 -26.63 -28.08
C ARG B 159 -5.55 -26.83 -26.77
N ASP B 160 -6.67 -26.12 -26.59
CA ASP B 160 -7.49 -26.28 -25.36
C ASP B 160 -8.03 -27.71 -25.36
N PRO B 161 -7.98 -28.42 -24.22
CA PRO B 161 -8.46 -29.79 -24.17
C PRO B 161 -9.98 -29.94 -24.30
N GLU B 162 -10.76 -28.87 -24.11
CA GLU B 162 -12.23 -28.91 -24.35
C GLU B 162 -12.55 -28.45 -25.77
N THR B 163 -12.00 -27.32 -26.24
CA THR B 163 -12.38 -26.72 -27.56
C THR B 163 -11.69 -27.49 -28.68
N LYS B 164 -10.55 -28.12 -28.37
CA LYS B 164 -9.68 -28.83 -29.34
C LYS B 164 -9.15 -27.85 -30.37
N ALA B 165 -9.00 -26.57 -30.00
CA ALA B 165 -8.58 -25.48 -30.90
C ALA B 165 -7.52 -24.65 -30.20
N PRO B 166 -6.72 -23.90 -30.97
CA PRO B 166 -5.75 -22.98 -30.40
C PRO B 166 -6.43 -21.86 -29.62
N LEU B 167 -5.62 -21.15 -28.83
CA LEU B 167 -6.00 -19.96 -28.06
C LEU B 167 -5.49 -18.74 -28.82
N ALA B 168 -6.28 -17.67 -28.84
CA ALA B 168 -5.76 -16.33 -29.14
C ALA B 168 -4.77 -15.92 -28.05
N PRO B 169 -3.64 -15.30 -28.39
CA PRO B 169 -2.70 -14.92 -27.33
C PRO B 169 -3.32 -13.90 -26.37
N LEU B 170 -4.03 -12.90 -26.92
CA LEU B 170 -4.62 -11.84 -26.06
C LEU B 170 -6.03 -11.58 -26.55
N CYS B 171 -6.98 -11.51 -25.63
CA CYS B 171 -8.31 -10.98 -25.98
C CYS B 171 -8.49 -9.64 -25.30
N THR B 172 -8.93 -8.65 -26.04
CA THR B 172 -9.20 -7.31 -25.49
C THR B 172 -10.30 -6.71 -26.33
N PRO B 173 -11.19 -5.94 -25.72
CA PRO B 173 -12.14 -5.15 -26.49
C PRO B 173 -11.33 -4.03 -27.17
N GLY B 174 -11.88 -3.45 -28.24
CA GLY B 174 -11.27 -2.27 -28.86
C GLY B 174 -12.19 -1.10 -28.63
N ARG B 175 -13.08 -0.87 -29.58
CA ARG B 175 -14.02 0.25 -29.48
C ARG B 175 -15.10 -0.18 -28.46
N THR B 176 -15.26 0.59 -27.39
CA THR B 176 -16.27 0.33 -26.34
C THR B 176 -16.34 1.63 -25.55
N PRO B 177 -17.45 1.89 -24.84
CA PRO B 177 -17.49 3.08 -24.00
C PRO B 177 -16.38 3.12 -22.94
N ARG B 178 -15.89 1.96 -22.52
CA ARG B 178 -14.80 1.84 -21.50
C ARG B 178 -13.42 1.77 -22.12
N THR B 179 -13.25 2.20 -23.36
CA THR B 179 -11.95 2.04 -24.08
C THR B 179 -10.85 2.85 -23.39
N LEU B 180 -11.17 4.00 -22.78
CA LEU B 180 -10.11 4.82 -22.15
C LEU B 180 -9.50 4.07 -20.94
N HIS B 181 -10.31 3.37 -20.16
CA HIS B 181 -9.81 2.61 -18.99
C HIS B 181 -8.83 1.54 -19.45
N ASN B 182 -9.07 0.91 -20.60
CA ASN B 182 -8.21 -0.19 -21.12
C ASN B 182 -6.89 0.41 -21.64
N ALA B 183 -6.95 1.64 -22.18
CA ALA B 183 -5.78 2.33 -22.72
C ALA B 183 -4.94 2.93 -21.60
N ALA B 184 -5.53 3.40 -20.50
CA ALA B 184 -4.87 4.26 -19.51
C ALA B 184 -3.54 3.61 -19.05
N PRO B 185 -3.47 2.32 -18.66
CA PRO B 185 -2.21 1.78 -18.12
C PRO B 185 -1.07 1.88 -19.17
N TRP B 186 -1.37 1.77 -20.48
CA TRP B 186 -0.38 1.88 -21.56
C TRP B 186 0.09 3.34 -21.76
N ILE B 187 -0.83 4.28 -21.72
CA ILE B 187 -0.50 5.73 -21.72
C ILE B 187 0.42 6.02 -20.53
N TRP B 188 0.02 5.62 -19.33
CA TRP B 188 0.74 5.96 -18.09
C TRP B 188 2.10 5.26 -18.07
N GLY B 189 2.18 4.00 -18.50
CA GLY B 189 3.43 3.23 -18.42
C GLY B 189 4.49 3.84 -19.35
N ALA B 190 4.08 4.56 -20.39
CA ALA B 190 4.98 5.24 -21.36
C ALA B 190 5.42 6.60 -20.86
N GLY B 191 4.86 7.07 -19.76
CA GLY B 191 5.07 8.44 -19.29
C GLY B 191 4.09 9.43 -19.81
N GLY B 192 3.00 8.99 -20.43
CA GLY B 192 2.00 9.94 -20.91
C GLY B 192 0.90 10.17 -19.90
N GLU B 193 -0.09 10.90 -20.37
CA GLU B 193 -1.32 11.17 -19.59
C GLU B 193 -2.48 11.39 -20.55
N ILE B 194 -3.71 11.36 -20.03
CA ILE B 194 -4.92 11.82 -20.74
C ILE B 194 -4.94 13.36 -20.67
N VAL B 195 -5.01 13.91 -19.45
CA VAL B 195 -4.82 15.36 -19.20
C VAL B 195 -3.78 15.51 -18.11
N ARG B 196 -3.02 16.60 -18.13
CA ARG B 196 -1.96 16.84 -17.14
C ARG B 196 -1.97 18.30 -16.77
N GLN B 197 -1.59 18.50 -15.50
CA GLN B 197 -1.60 19.80 -14.83
C GLN B 197 -0.14 20.23 -14.80
N ALA B 198 0.14 21.20 -15.60
CA ALA B 198 1.50 21.77 -15.77
C ALA B 198 1.30 23.16 -16.40
N GLY B 199 2.12 24.14 -16.04
CA GLY B 199 2.01 25.47 -16.69
C GLY B 199 0.73 26.20 -16.29
N GLY B 200 0.27 25.92 -15.06
CA GLY B 200 -0.85 26.63 -14.39
C GLY B 200 -2.23 26.24 -14.88
N ARG B 201 -2.33 25.11 -15.58
CA ARG B 201 -3.61 24.65 -16.20
C ARG B 201 -3.56 23.14 -16.54
N TRP B 202 -4.75 22.59 -16.75
CA TRP B 202 -4.94 21.21 -17.29
C TRP B 202 -4.90 21.34 -18.80
N GLN B 203 -4.26 20.41 -19.46
CA GLN B 203 -4.19 20.29 -20.92
C GLN B 203 -4.28 18.81 -21.28
N SER B 204 -4.83 18.52 -22.45
CA SER B 204 -4.63 17.19 -23.06
C SER B 204 -3.15 16.80 -23.15
N ALA B 205 -2.83 15.54 -22.86
CA ALA B 205 -1.48 15.00 -23.16
C ALA B 205 -1.57 13.77 -24.10
N LEU B 206 -2.75 13.50 -24.66
CA LEU B 206 -3.00 12.32 -25.51
C LEU B 206 -2.16 12.34 -26.78
N ASN B 207 -1.74 13.52 -27.25
CA ASN B 207 -0.87 13.64 -28.45
C ASN B 207 0.58 13.89 -28.06
N SER B 208 0.96 13.70 -26.80
CA SER B 208 2.39 13.73 -26.41
C SER B 208 3.10 12.54 -27.02
N PRO B 209 4.42 12.65 -27.24
CA PRO B 209 5.19 11.50 -27.67
C PRO B 209 5.01 10.25 -26.79
N GLU B 210 5.04 10.45 -25.47
CA GLU B 210 4.94 9.38 -24.47
C GLU B 210 3.56 8.74 -24.63
N SER B 211 2.51 9.53 -24.70
CA SER B 211 1.13 8.96 -24.78
C SER B 211 1.01 8.17 -26.09
N LEU B 212 1.54 8.71 -27.20
CA LEU B 212 1.42 8.07 -28.52
C LEU B 212 2.21 6.75 -28.52
N GLU B 213 3.37 6.69 -27.84
CA GLU B 213 4.19 5.47 -27.76
C GLU B 213 3.38 4.37 -27.06
N GLY B 214 2.81 4.74 -25.92
CA GLY B 214 2.04 3.77 -25.14
C GLY B 214 0.82 3.30 -25.92
N LEU B 215 0.07 4.23 -26.48
CA LEU B 215 -1.12 3.87 -27.25
C LEU B 215 -0.77 2.95 -28.42
N TYR B 216 0.26 3.29 -29.18
CA TYR B 216 0.64 2.49 -30.37
C TYR B 216 1.15 1.11 -29.94
N PHE B 217 1.89 1.02 -28.83
CA PHE B 217 2.34 -0.30 -28.30
C PHE B 217 1.13 -1.20 -28.16
N PHE B 218 0.07 -0.72 -27.46
CA PHE B 218 -1.11 -1.53 -27.15
C PHE B 218 -1.94 -1.81 -28.41
N LEU B 219 -2.30 -0.76 -29.15
CA LEU B 219 -3.23 -0.92 -30.28
C LEU B 219 -2.60 -1.76 -31.38
N SER B 220 -1.29 -1.69 -31.52
CA SER B 220 -0.53 -2.40 -32.59
C SER B 220 -0.56 -3.90 -32.33
N LEU B 221 -0.69 -4.37 -31.08
CA LEU B 221 -0.68 -5.84 -30.82
C LEU B 221 -1.78 -6.56 -31.64
N ALA B 222 -2.97 -5.98 -31.85
CA ALA B 222 -4.00 -6.62 -32.69
C ALA B 222 -3.49 -6.73 -34.13
N GLN B 223 -2.80 -5.71 -34.64
CA GLN B 223 -2.27 -5.74 -36.04
C GLN B 223 -1.13 -6.73 -36.24
N LYS B 224 -0.47 -7.10 -35.16
CA LYS B 224 0.67 -8.04 -35.21
C LYS B 224 0.12 -9.48 -35.16
N GLY B 225 -1.19 -9.64 -35.01
CA GLY B 225 -1.87 -10.92 -34.98
C GLY B 225 -2.03 -11.52 -33.59
N TYR B 226 -1.87 -10.73 -32.54
CA TYR B 226 -1.99 -11.23 -31.14
C TYR B 226 -3.44 -11.22 -30.67
N VAL B 227 -4.29 -10.43 -31.32
CA VAL B 227 -5.73 -10.30 -30.92
C VAL B 227 -6.60 -10.67 -32.11
N PRO B 228 -7.55 -11.59 -31.94
CA PRO B 228 -8.37 -12.04 -33.05
C PRO B 228 -9.36 -10.94 -33.40
N ALA B 229 -9.76 -10.95 -34.67
CA ALA B 229 -10.69 -9.97 -35.24
C ALA B 229 -11.97 -9.98 -34.39
N GLU B 230 -12.44 -11.12 -33.89
CA GLU B 230 -13.77 -11.16 -33.21
C GLU B 230 -13.68 -10.40 -31.88
N SER B 231 -12.50 -10.37 -31.24
CA SER B 231 -12.36 -9.65 -29.96
C SER B 231 -12.70 -8.18 -30.14
N LEU B 232 -12.41 -7.62 -31.28
CA LEU B 232 -12.54 -6.17 -31.51
C LEU B 232 -13.99 -5.83 -31.87
N GLU B 233 -14.86 -6.84 -31.97
CA GLU B 233 -16.32 -6.63 -32.24
C GLU B 233 -17.08 -6.79 -30.93
N LYS B 234 -16.38 -6.99 -29.80
CA LYS B 234 -16.99 -7.41 -28.52
C LYS B 234 -16.83 -6.40 -27.38
N ASN B 235 -17.77 -6.46 -26.47
CA ASN B 235 -17.83 -5.62 -25.24
C ASN B 235 -17.13 -6.38 -24.12
N THR B 236 -17.10 -5.76 -22.94
CA THR B 236 -16.29 -6.28 -21.82
C THR B 236 -16.76 -7.68 -21.41
N ALA B 237 -18.07 -7.86 -21.26
CA ALA B 237 -18.65 -9.16 -20.84
C ALA B 237 -18.42 -10.26 -21.88
N GLN B 238 -18.52 -9.92 -23.17
CA GLN B 238 -18.33 -10.91 -24.27
C GLN B 238 -16.91 -11.45 -24.24
N ILE B 239 -15.95 -10.56 -23.93
CA ILE B 239 -14.53 -11.01 -23.84
C ILE B 239 -14.37 -11.93 -22.63
N GLU B 240 -14.96 -11.61 -21.49
CA GLU B 240 -14.91 -12.50 -20.29
C GLU B 240 -15.43 -13.88 -20.69
N ALA B 241 -16.55 -13.96 -21.40
CA ALA B 241 -17.12 -15.27 -21.84
C ALA B 241 -16.11 -16.02 -22.74
N ASP B 242 -15.43 -15.32 -23.64
CA ASP B 242 -14.43 -15.95 -24.56
C ASP B 242 -13.26 -16.54 -23.73
N PHE B 243 -12.83 -15.84 -22.68
CA PHE B 243 -11.74 -16.37 -21.83
C PHE B 243 -12.24 -17.62 -21.08
N GLN B 244 -13.42 -17.54 -20.47
CA GLN B 244 -14.02 -18.69 -19.75
C GLN B 244 -14.13 -19.88 -20.71
N ALA B 245 -14.42 -19.64 -22.00
CA ALA B 245 -14.74 -20.69 -22.97
C ALA B 245 -13.46 -21.21 -23.65
N GLY B 246 -12.29 -20.83 -23.12
CA GLY B 246 -11.02 -21.44 -23.56
C GLY B 246 -10.49 -20.88 -24.87
N LYS B 247 -10.94 -19.69 -25.29
CA LYS B 247 -10.53 -19.07 -26.58
C LYS B 247 -9.36 -18.07 -26.46
N CYS B 248 -8.93 -17.70 -25.25
CA CYS B 248 -7.94 -16.59 -24.97
C CYS B 248 -6.89 -17.13 -24.01
N ALA B 249 -5.59 -16.93 -24.24
CA ALA B 249 -4.53 -17.26 -23.26
C ALA B 249 -4.38 -16.19 -22.17
N VAL B 250 -4.68 -14.95 -22.52
CA VAL B 250 -4.47 -13.77 -21.65
C VAL B 250 -5.61 -12.78 -21.86
N PHE B 251 -6.10 -12.19 -20.78
CA PHE B 251 -7.03 -11.03 -20.88
C PHE B 251 -7.10 -10.30 -19.54
N ALA B 252 -7.40 -9.01 -19.61
CA ALA B 252 -7.45 -8.10 -18.46
C ALA B 252 -8.85 -8.09 -17.87
N SER B 253 -8.99 -8.30 -16.58
CA SER B 253 -10.30 -8.17 -15.90
C SER B 253 -10.11 -7.78 -14.43
N GLY B 254 -11.19 -7.76 -13.69
CA GLY B 254 -11.17 -7.43 -12.27
C GLY B 254 -11.22 -8.68 -11.41
N PRO B 255 -11.24 -8.49 -10.08
CA PRO B 255 -11.14 -9.60 -9.13
C PRO B 255 -12.36 -10.53 -9.18
N TRP B 256 -13.45 -10.09 -9.79
CA TRP B 256 -14.70 -10.90 -9.87
C TRP B 256 -14.45 -12.23 -10.57
N MET B 257 -13.45 -12.31 -11.48
CA MET B 257 -13.23 -13.57 -12.23
C MET B 257 -12.74 -14.64 -11.26
N ILE B 258 -12.08 -14.29 -10.15
CA ILE B 258 -11.57 -15.30 -9.19
C ILE B 258 -12.76 -16.05 -8.56
N GLN B 259 -13.73 -15.33 -8.02
CA GLN B 259 -15.01 -15.86 -7.48
C GLN B 259 -15.73 -16.67 -8.57
N ARG B 260 -15.85 -16.14 -9.80
CA ARG B 260 -16.54 -16.87 -10.89
C ARG B 260 -15.85 -18.20 -11.14
N ALA B 261 -14.51 -18.28 -11.05
CA ALA B 261 -13.79 -19.54 -11.33
C ALA B 261 -14.10 -20.58 -10.26
N GLN B 262 -14.63 -20.16 -9.12
CA GLN B 262 -14.91 -21.07 -7.98
C GLN B 262 -16.35 -21.58 -8.05
N VAL B 263 -17.19 -21.02 -8.93
CA VAL B 263 -18.67 -21.20 -8.87
C VAL B 263 -19.04 -22.01 -10.12
N PRO B 264 -19.94 -23.00 -10.05
CA PRO B 264 -20.39 -23.71 -11.27
C PRO B 264 -21.04 -22.76 -12.30
N GLU B 265 -20.98 -23.13 -13.57
CA GLU B 265 -21.62 -22.34 -14.66
C GLU B 265 -23.12 -22.12 -14.38
N ALA B 266 -23.80 -23.07 -13.75
CA ALA B 266 -25.24 -22.96 -13.40
C ALA B 266 -25.48 -21.85 -12.36
N LYS B 267 -24.44 -21.37 -11.68
CA LYS B 267 -24.56 -20.24 -10.71
C LYS B 267 -23.90 -18.98 -11.30
N GLY B 268 -23.58 -18.99 -12.59
CA GLY B 268 -23.03 -17.81 -13.28
C GLY B 268 -21.50 -17.82 -13.28
N GLY B 269 -20.88 -18.91 -12.85
CA GLY B 269 -19.41 -19.02 -12.80
C GLY B 269 -18.90 -19.85 -13.96
N PHE B 270 -17.70 -20.40 -13.84
CA PHE B 270 -17.08 -21.20 -14.92
C PHE B 270 -16.16 -22.29 -14.33
N ALA B 271 -16.44 -22.76 -13.11
CA ALA B 271 -15.57 -23.73 -12.40
C ALA B 271 -15.29 -25.00 -13.21
N GLU B 272 -16.23 -25.48 -14.02
CA GLU B 272 -16.08 -26.75 -14.78
C GLU B 272 -15.07 -26.60 -15.92
N ARG B 273 -14.77 -25.38 -16.36
CA ARG B 273 -14.04 -25.11 -17.61
C ARG B 273 -12.53 -25.15 -17.34
N THR B 274 -11.78 -25.53 -18.36
CA THR B 274 -10.34 -25.70 -18.26
C THR B 274 -9.74 -24.41 -17.74
N ALA B 275 -10.21 -23.26 -18.22
CA ALA B 275 -9.65 -21.94 -17.83
C ALA B 275 -9.67 -21.81 -16.30
N ALA B 276 -10.75 -22.22 -15.64
CA ALA B 276 -10.91 -22.05 -14.18
C ALA B 276 -9.87 -22.93 -13.45
N LYS B 277 -9.48 -24.03 -14.07
CA LYS B 277 -8.60 -25.07 -13.45
C LYS B 277 -7.14 -24.76 -13.78
N ASN B 278 -6.88 -23.79 -14.66
CA ASN B 278 -5.51 -23.41 -15.06
C ASN B 278 -5.37 -21.88 -15.06
N LEU B 279 -5.73 -21.27 -13.93
CA LEU B 279 -5.93 -19.81 -13.86
C LEU B 279 -4.76 -19.18 -13.13
N GLY B 280 -4.13 -18.20 -13.75
CA GLY B 280 -3.17 -17.33 -13.05
C GLY B 280 -3.56 -15.88 -13.20
N VAL B 281 -2.98 -15.06 -12.37
CA VAL B 281 -3.19 -13.59 -12.49
C VAL B 281 -1.86 -12.90 -12.23
N ALA B 282 -1.63 -11.81 -12.93
CA ALA B 282 -0.46 -10.95 -12.77
C ALA B 282 -0.87 -9.49 -12.98
N PRO B 283 -0.16 -8.56 -12.34
CA PRO B 283 -0.37 -7.14 -12.59
C PRO B 283 0.00 -6.83 -14.05
N TYR B 284 -0.51 -5.69 -14.52
CA TYR B 284 -0.06 -5.09 -15.78
C TYR B 284 1.47 -4.90 -15.74
N PRO B 285 2.11 -5.01 -16.91
CA PRO B 285 3.56 -4.86 -17.02
C PRO B 285 4.06 -3.43 -16.90
N ALA B 286 5.27 -3.27 -16.37
CA ALA B 286 5.97 -1.97 -16.35
C ALA B 286 6.24 -1.47 -17.77
N GLY B 287 5.90 -0.23 -18.06
CA GLY B 287 6.37 0.45 -19.25
C GLY B 287 7.73 1.09 -18.98
N PRO B 288 8.25 1.83 -19.96
CA PRO B 288 9.54 2.53 -19.76
C PRO B 288 9.54 3.54 -18.58
N LYS B 289 8.37 4.05 -18.18
CA LYS B 289 8.21 5.02 -17.10
C LYS B 289 7.35 4.37 -16.02
N GLY B 290 7.25 3.05 -16.00
CA GLY B 290 6.75 2.37 -14.79
C GLY B 290 5.49 1.58 -14.99
N ARG B 291 4.98 1.06 -13.87
CA ARG B 291 3.91 0.09 -13.79
C ARG B 291 2.72 0.76 -13.11
N TYR B 292 1.58 0.70 -13.77
CA TYR B 292 0.33 1.28 -13.26
C TYR B 292 -0.85 0.37 -13.45
N THR B 293 -1.70 0.33 -12.44
CA THR B 293 -2.95 -0.41 -12.44
C THR B 293 -4.07 0.62 -12.48
N PHE B 294 -4.93 0.53 -13.45
CA PHE B 294 -6.13 1.38 -13.53
C PHE B 294 -7.10 1.12 -12.35
N PHE B 295 -7.45 2.19 -11.67
CA PHE B 295 -8.51 2.17 -10.62
C PHE B 295 -9.69 2.99 -11.06
N GLY B 296 -10.85 2.36 -10.85
CA GLY B 296 -12.14 3.04 -10.79
C GLY B 296 -12.90 2.51 -9.59
N GLY B 297 -14.21 2.44 -9.73
CA GLY B 297 -15.13 2.04 -8.68
C GLY B 297 -16.16 3.11 -8.38
N SER B 298 -16.67 3.06 -7.15
CA SER B 298 -17.78 3.90 -6.73
C SER B 298 -17.60 4.33 -5.27
N ASN B 299 -18.07 5.52 -5.06
CA ASN B 299 -18.08 6.26 -3.76
C ASN B 299 -19.53 6.53 -3.36
N LEU B 300 -19.71 6.97 -2.14
CA LEU B 300 -21.00 7.40 -1.62
C LEU B 300 -20.92 8.89 -1.22
N ALA B 301 -21.98 9.65 -1.50
CA ALA B 301 -22.03 11.07 -1.16
C ALA B 301 -23.37 11.36 -0.48
N LEU B 302 -23.33 12.40 0.32
CA LEU B 302 -24.46 12.96 1.10
C LEU B 302 -24.85 14.31 0.53
N PHE B 303 -26.09 14.46 0.10
CA PHE B 303 -26.56 15.77 -0.41
C PHE B 303 -26.69 16.76 0.75
N ASN B 304 -26.30 18.02 0.54
CA ASN B 304 -26.28 19.00 1.64
C ASN B 304 -27.69 19.52 1.94
N PHE B 305 -28.69 19.12 1.17
CA PHE B 305 -30.12 19.43 1.50
C PHE B 305 -30.74 18.27 2.30
N SER B 306 -30.00 17.20 2.63
CA SER B 306 -30.52 16.06 3.42
C SER B 306 -30.99 16.57 4.79
N LYS B 307 -32.13 16.07 5.25
CA LYS B 307 -32.66 16.38 6.59
C LYS B 307 -32.14 15.39 7.62
N ASN B 308 -31.28 14.44 7.22
CA ASN B 308 -30.86 13.29 8.04
C ASN B 308 -29.33 13.21 8.03
N LYS B 309 -28.63 14.33 8.04
CA LYS B 309 -27.16 14.27 7.89
C LYS B 309 -26.49 13.47 9.00
N PRO B 310 -26.77 13.69 10.30
CA PRO B 310 -26.02 12.93 11.31
C PRO B 310 -26.17 11.40 11.17
N LEU B 311 -27.40 10.96 10.89
CA LEU B 311 -27.69 9.52 10.78
C LEU B 311 -27.10 9.00 9.46
N ALA B 312 -27.21 9.80 8.39
CA ALA B 312 -26.59 9.47 7.05
C ALA B 312 -25.07 9.33 7.22
N LYS B 313 -24.43 10.16 8.04
CA LYS B 313 -22.95 10.04 8.30
C LYS B 313 -22.66 8.77 9.08
N GLU B 314 -23.53 8.36 10.02
CA GLU B 314 -23.32 7.05 10.71
C GLU B 314 -23.39 5.92 9.67
N LEU B 315 -24.33 6.01 8.72
CA LEU B 315 -24.45 4.95 7.70
C LEU B 315 -23.22 4.98 6.78
N LEU B 316 -22.72 6.17 6.45
CA LEU B 316 -21.46 6.27 5.66
C LEU B 316 -20.29 5.64 6.43
N LYS B 317 -20.18 5.90 7.73
CA LYS B 317 -19.11 5.21 8.53
C LYS B 317 -19.34 3.70 8.50
N TYR B 318 -20.58 3.22 8.53
CA TYR B 318 -20.80 1.75 8.53
C TYR B 318 -20.39 1.14 7.17
N LEU B 319 -20.92 1.70 6.08
CA LEU B 319 -20.66 1.22 4.69
C LEU B 319 -19.16 1.37 4.39
N GLY B 320 -18.51 2.41 4.88
CA GLY B 320 -17.10 2.66 4.61
C GLY B 320 -16.16 1.80 5.47
N GLY B 321 -16.68 1.14 6.50
CA GLY B 321 -15.91 0.47 7.56
C GLY B 321 -15.62 -0.98 7.26
N PRO B 322 -14.65 -1.60 7.99
CA PRO B 322 -14.11 -2.88 7.56
C PRO B 322 -15.15 -4.00 7.38
N GLU B 323 -16.13 -4.15 8.27
CA GLU B 323 -17.05 -5.31 8.18
C GLU B 323 -17.85 -5.20 6.87
N ALA B 324 -18.54 -4.07 6.66
CA ALA B 324 -19.35 -3.82 5.47
C ALA B 324 -18.47 -3.76 4.21
N GLN B 325 -17.25 -3.25 4.32
CA GLN B 325 -16.30 -3.18 3.17
C GLN B 325 -16.04 -4.59 2.66
N VAL B 326 -15.69 -5.52 3.55
CA VAL B 326 -15.45 -6.93 3.15
C VAL B 326 -16.74 -7.53 2.56
N ARG B 327 -17.86 -7.39 3.26
CA ARG B 327 -19.13 -8.04 2.85
C ARG B 327 -19.55 -7.53 1.45
N TYR B 328 -19.45 -6.22 1.22
CA TYR B 328 -19.91 -5.67 -0.07
C TYR B 328 -18.91 -6.02 -1.18
N ALA B 329 -17.62 -6.10 -0.89
CA ALA B 329 -16.62 -6.47 -1.93
C ALA B 329 -16.92 -7.90 -2.35
N GLN B 330 -17.27 -8.77 -1.39
CA GLN B 330 -17.75 -10.16 -1.68
C GLN B 330 -18.94 -10.11 -2.62
N MET B 331 -19.96 -9.33 -2.27
CA MET B 331 -21.26 -9.30 -3.02
C MET B 331 -21.04 -8.80 -4.46
N THR B 332 -20.18 -7.81 -4.65
CA THR B 332 -19.95 -7.12 -5.95
C THR B 332 -18.82 -7.74 -6.79
N GLY B 333 -17.95 -8.56 -6.21
CA GLY B 333 -16.73 -9.10 -6.83
C GLY B 333 -15.69 -8.04 -7.03
N MET B 334 -15.72 -7.02 -6.17
CA MET B 334 -14.80 -5.87 -6.29
C MET B 334 -13.71 -5.97 -5.21
N LEU B 335 -12.83 -4.99 -5.10
CA LEU B 335 -11.88 -4.90 -3.99
C LEU B 335 -12.44 -3.84 -3.04
N PRO B 336 -12.32 -4.02 -1.70
CA PRO B 336 -12.72 -2.97 -0.78
C PRO B 336 -12.01 -1.67 -1.16
N ALA B 337 -12.71 -0.53 -1.03
CA ALA B 337 -12.08 0.80 -1.14
C ALA B 337 -11.19 1.09 0.10
N LEU B 338 -11.54 0.58 1.26
CA LEU B 338 -10.76 0.78 2.52
C LEU B 338 -9.61 -0.19 2.53
N ARG B 339 -8.38 0.28 2.49
CA ARG B 339 -7.21 -0.62 2.47
C ARG B 339 -7.14 -1.48 3.74
N SER B 340 -7.54 -0.95 4.90
CA SER B 340 -7.65 -1.68 6.19
C SER B 340 -8.43 -2.99 6.00
N ALA B 341 -9.43 -3.02 5.13
CA ALA B 341 -10.29 -4.21 4.94
C ALA B 341 -9.54 -5.33 4.20
N TRP B 342 -8.49 -5.00 3.52
CA TRP B 342 -7.74 -6.02 2.74
C TRP B 342 -7.02 -6.97 3.66
N SER B 343 -6.79 -6.59 4.92
CA SER B 343 -6.14 -7.44 5.96
C SER B 343 -7.06 -8.56 6.37
N ASP B 344 -8.34 -8.46 6.00
CA ASP B 344 -9.33 -9.47 6.35
C ASP B 344 -8.87 -10.82 5.81
N PRO B 345 -8.96 -11.88 6.66
CA PRO B 345 -8.70 -13.23 6.20
C PRO B 345 -9.40 -13.57 4.87
N SER B 346 -10.58 -13.00 4.60
CA SER B 346 -11.36 -13.19 3.35
C SER B 346 -10.48 -12.96 2.11
N PHE B 347 -9.54 -12.03 2.20
CA PHE B 347 -8.59 -11.68 1.09
C PHE B 347 -7.30 -12.48 1.27
N GLN B 348 -6.85 -12.58 2.51
CA GLN B 348 -5.46 -13.02 2.77
C GLN B 348 -5.34 -14.53 2.49
N GLN B 349 -6.47 -15.24 2.33
CA GLN B 349 -6.54 -16.72 2.23
C GLN B 349 -6.73 -17.19 0.78
N ASN B 350 -6.68 -16.33 -0.25
CA ASN B 350 -6.70 -16.80 -1.66
C ASN B 350 -5.47 -16.26 -2.41
N PRO B 351 -4.50 -17.09 -2.89
CA PRO B 351 -3.32 -16.53 -3.56
C PRO B 351 -3.64 -15.65 -4.78
N LEU B 352 -4.74 -15.90 -5.49
CA LEU B 352 -5.07 -15.06 -6.67
C LEU B 352 -5.52 -13.68 -6.21
N LEU B 353 -6.29 -13.61 -5.14
CA LEU B 353 -6.72 -12.30 -4.58
C LEU B 353 -5.50 -11.60 -4.03
N ARG B 354 -4.59 -12.30 -3.36
CA ARG B 354 -3.35 -11.66 -2.89
C ARG B 354 -2.62 -10.99 -4.06
N THR B 355 -2.63 -11.60 -5.25
CA THR B 355 -1.98 -10.97 -6.44
C THR B 355 -2.68 -9.65 -6.81
N PHE B 356 -4.01 -9.55 -6.81
CA PHE B 356 -4.70 -8.25 -6.98
C PHE B 356 -4.24 -7.24 -5.96
N ILE B 357 -4.07 -7.65 -4.70
CA ILE B 357 -3.56 -6.65 -3.73
C ILE B 357 -2.14 -6.23 -4.13
N GLN B 358 -1.32 -7.13 -4.67
CA GLN B 358 0.01 -6.72 -5.19
C GLN B 358 -0.20 -5.66 -6.29
N ALA B 359 -1.11 -5.93 -7.20
CA ALA B 359 -1.43 -5.05 -8.35
C ALA B 359 -1.87 -3.69 -7.84
N ALA B 360 -2.59 -3.68 -6.72
CA ALA B 360 -3.21 -2.47 -6.16
C ALA B 360 -2.16 -1.51 -5.70
N GLN B 361 -0.97 -1.94 -5.36
CA GLN B 361 0.10 -1.04 -4.90
C GLN B 361 0.38 0.02 -5.97
N PHE B 362 0.18 -0.33 -7.27
CA PHE B 362 0.50 0.50 -8.47
C PHE B 362 -0.71 1.29 -8.91
N GLY B 363 -1.77 1.37 -8.10
CA GLY B 363 -3.02 1.97 -8.57
C GLY B 363 -2.89 3.40 -8.97
N ARG B 364 -3.64 3.79 -10.02
CA ARG B 364 -3.67 5.16 -10.55
C ARG B 364 -5.08 5.41 -11.05
N THR B 365 -5.59 6.61 -10.81
CA THR B 365 -6.94 7.06 -11.25
C THR B 365 -6.78 8.32 -12.12
N TYR B 366 -7.87 8.64 -12.82
CA TYR B 366 -8.01 9.95 -13.48
C TYR B 366 -8.06 11.04 -12.42
N PRO B 367 -7.66 12.28 -12.79
CA PRO B 367 -7.89 13.41 -11.93
C PRO B 367 -9.40 13.60 -11.76
N SER B 368 -9.78 14.15 -10.60
CA SER B 368 -11.19 14.31 -10.20
CA SER B 368 -11.20 14.32 -10.19
C SER B 368 -11.73 15.65 -10.71
N LEU B 369 -11.74 15.84 -12.00
CA LEU B 369 -12.07 17.14 -12.63
C LEU B 369 -13.57 17.29 -12.74
N ALA B 370 -14.03 18.51 -12.55
CA ALA B 370 -15.44 18.89 -12.79
C ALA B 370 -15.82 18.53 -14.21
N GLY B 371 -14.93 18.74 -15.19
CA GLY B 371 -15.22 18.50 -16.62
C GLY B 371 -14.85 17.10 -17.09
N TRP B 372 -14.65 16.14 -16.19
CA TRP B 372 -14.08 14.84 -16.60
C TRP B 372 -14.95 14.16 -17.69
N GLY B 373 -16.26 14.14 -17.54
CA GLY B 373 -17.11 13.36 -18.45
C GLY B 373 -16.88 13.82 -19.89
N GLY B 374 -16.77 15.13 -20.07
CA GLY B 374 -16.52 15.76 -21.38
C GLY B 374 -15.18 15.31 -21.95
N VAL B 375 -14.12 15.35 -21.13
CA VAL B 375 -12.79 14.89 -21.51
C VAL B 375 -12.89 13.42 -21.96
N GLU B 376 -13.45 12.57 -21.11
CA GLU B 376 -13.52 11.13 -21.38
C GLU B 376 -14.34 10.88 -22.65
N ASN B 377 -15.49 11.57 -22.85
CA ASN B 377 -16.26 11.36 -24.09
C ASN B 377 -15.43 11.61 -25.34
N LEU B 378 -14.70 12.73 -25.38
CA LEU B 378 -13.87 13.08 -26.54
C LEU B 378 -12.76 12.03 -26.68
N ALA B 379 -12.11 11.62 -25.58
CA ALA B 379 -11.03 10.60 -25.69
C ALA B 379 -11.57 9.26 -26.18
N VAL B 380 -12.74 8.83 -25.74
CA VAL B 380 -13.41 7.58 -26.16
C VAL B 380 -13.75 7.64 -27.66
N GLN B 381 -14.32 8.74 -28.11
CA GLN B 381 -14.70 8.92 -29.52
C GLN B 381 -13.44 8.75 -30.40
N HIS B 382 -12.34 9.42 -30.08
CA HIS B 382 -11.12 9.40 -30.93
C HIS B 382 -10.40 8.05 -30.82
N LEU B 383 -10.30 7.48 -29.61
CA LEU B 383 -9.73 6.10 -29.49
C LEU B 383 -10.60 5.10 -30.23
N GLY B 384 -11.93 5.26 -30.24
CA GLY B 384 -12.79 4.34 -31.01
C GLY B 384 -12.46 4.43 -32.47
N MET B 385 -12.20 5.61 -32.99
CA MET B 385 -11.75 5.69 -34.40
C MET B 385 -10.39 5.01 -34.61
N ALA B 386 -9.49 5.09 -33.64
CA ALA B 386 -8.18 4.40 -33.72
C ALA B 386 -8.44 2.90 -33.77
N TRP B 387 -9.33 2.39 -32.91
CA TRP B 387 -9.61 0.93 -32.85
C TRP B 387 -10.27 0.48 -34.15
N ASP B 388 -11.11 1.33 -34.75
CA ASP B 388 -11.72 0.99 -36.05
C ASP B 388 -10.62 0.79 -37.11
N LEU B 389 -9.59 1.63 -37.15
CA LEU B 389 -8.42 1.44 -38.05
C LEU B 389 -7.72 0.13 -37.72
N VAL B 390 -7.48 -0.14 -36.44
CA VAL B 390 -6.88 -1.43 -36.04
C VAL B 390 -7.69 -2.62 -36.56
N ALA B 391 -9.02 -2.61 -36.47
CA ALA B 391 -9.85 -3.75 -36.92
C ALA B 391 -9.68 -3.93 -38.44
N GLN B 392 -9.38 -2.86 -39.19
CA GLN B 392 -9.09 -2.94 -40.67
C GLN B 392 -7.60 -3.19 -40.95
N GLY B 393 -6.73 -3.20 -39.96
CA GLY B 393 -5.27 -3.39 -40.09
C GLY B 393 -4.62 -2.14 -40.68
N ARG B 394 -5.24 -0.99 -40.47
CA ARG B 394 -4.90 0.31 -41.11
C ARG B 394 -4.23 1.31 -40.15
N LEU B 395 -4.07 1.01 -38.87
CA LEU B 395 -3.45 1.98 -37.95
C LEU B 395 -1.96 2.17 -38.27
N THR B 396 -1.55 3.42 -38.39
CA THR B 396 -0.14 3.87 -38.45
C THR B 396 0.15 4.80 -37.26
N ARG B 397 1.41 5.03 -36.93
CA ARG B 397 1.80 6.04 -35.91
C ARG B 397 1.27 7.40 -36.37
N GLU B 398 1.45 7.74 -37.68
CA GLU B 398 0.88 9.00 -38.20
C GLU B 398 -0.65 9.05 -38.07
N ALA B 399 -1.43 8.00 -38.36
CA ALA B 399 -2.90 8.04 -38.30
C ALA B 399 -3.34 8.26 -36.84
N LEU B 400 -2.67 7.53 -35.94
CA LEU B 400 -2.91 7.63 -34.48
C LEU B 400 -2.61 9.06 -34.03
N LYS B 401 -1.47 9.63 -34.42
CA LYS B 401 -1.12 11.01 -34.04
C LYS B 401 -2.22 11.97 -34.52
N ASP B 402 -2.68 11.84 -35.76
CA ASP B 402 -3.70 12.79 -36.30
C ASP B 402 -5.00 12.69 -35.46
N LEU B 403 -5.43 11.49 -35.03
CA LEU B 403 -6.64 11.25 -34.20
C LEU B 403 -6.43 11.86 -32.80
N MET B 404 -5.25 11.72 -32.22
CA MET B 404 -4.98 12.26 -30.86
C MET B 404 -4.77 13.78 -30.91
N ASP B 405 -4.26 14.32 -32.02
CA ASP B 405 -4.18 15.79 -32.23
C ASP B 405 -5.60 16.36 -32.26
N LYS B 406 -6.53 15.73 -32.96
CA LYS B 406 -7.96 16.13 -32.99
C LYS B 406 -8.53 16.02 -31.57
N ALA B 407 -8.28 14.91 -30.85
CA ALA B 407 -8.84 14.74 -29.50
C ALA B 407 -8.31 15.89 -28.62
N SER B 408 -7.02 16.22 -28.75
CA SER B 408 -6.33 17.21 -27.88
C SER B 408 -6.92 18.61 -28.12
N ALA B 409 -7.13 18.97 -29.38
CA ALA B 409 -7.79 20.26 -29.66
C ALA B 409 -9.18 20.35 -29.03
N ALA B 410 -10.01 19.32 -29.18
CA ALA B 410 -11.37 19.34 -28.62
C ALA B 410 -11.29 19.34 -27.10
N ILE B 411 -10.42 18.53 -26.55
CA ILE B 411 -10.28 18.45 -25.08
C ILE B 411 -9.81 19.80 -24.52
N ASN B 412 -8.87 20.47 -25.16
CA ASN B 412 -8.31 21.73 -24.64
C ASN B 412 -9.41 22.79 -24.69
N GLN B 413 -10.27 22.78 -25.70
CA GLN B 413 -11.42 23.73 -25.77
C GLN B 413 -12.41 23.38 -24.63
N ALA B 414 -12.66 22.11 -24.36
CA ALA B 414 -13.56 21.71 -23.25
C ALA B 414 -12.97 22.17 -21.92
N LEU B 415 -11.68 21.96 -21.70
CA LEU B 415 -11.02 22.29 -20.41
C LEU B 415 -11.03 23.82 -20.22
N ARG B 416 -11.05 24.57 -21.31
CA ARG B 416 -11.11 26.06 -21.28
C ARG B 416 -12.36 26.50 -20.55
N HIS B 417 -13.47 25.78 -20.69
CA HIS B 417 -14.82 26.11 -20.15
C HIS B 417 -14.90 25.97 -18.62
N HIS B 418 -13.95 25.27 -17.97
CA HIS B 418 -13.60 25.46 -16.53
C HIS B 418 -12.07 25.38 -16.37
C2 BGC C . 5.53 -3.40 12.43
C3 BGC C . 6.55 -4.53 12.46
C4 BGC C . 5.87 -5.93 12.39
C5 BGC C . 4.86 -5.96 11.25
C6 BGC C . 3.99 -7.20 11.02
C1 BGC C . 4.90 -3.73 11.10
O1 BGC C . 4.46 -2.66 10.27
O2 BGC C . 6.28 -2.15 12.48
O3 BGC C . 7.49 -4.44 13.52
O4 BGC C . 6.93 -6.83 12.10
O5 BGC C . 4.00 -4.85 11.37
O6 BGC C . 3.02 -6.72 10.04
C2 BGC C . 6.73 -0.04 13.44
C3 BGC C . 6.20 1.30 13.88
C4 BGC C . 5.17 1.83 12.91
C5 BGC C . 4.17 0.72 12.67
C6 BGC C . 3.06 1.16 11.69
C1 BGC C . 5.63 -1.08 13.13
O2 BGC C . 7.66 -0.47 14.45
O3 BGC C . 7.31 2.24 14.01
O4 BGC C . 4.59 2.98 13.49
O5 BGC C . 4.78 -0.48 12.18
O6 BGC C . 3.49 1.33 10.35
C2 BGC D . -18.98 0.44 -14.16
C3 BGC D . -18.67 -1.04 -13.91
C4 BGC D . -19.88 -1.98 -14.10
C5 BGC D . -20.65 -1.58 -15.38
C6 BGC D . -22.04 -2.14 -15.60
C1 BGC D . -19.48 0.37 -15.61
O1 BGC D . -19.33 1.53 -16.49
O2 BGC D . -17.81 1.30 -14.04
O3 BGC D . -17.95 -1.38 -12.73
O4 BGC D . -19.40 -3.31 -14.29
O5 BGC D . -20.81 -0.18 -15.42
O6 BGC D . -22.60 -1.26 -16.60
C2 BGC D . -16.50 2.77 -12.84
C3 BGC D . -16.35 4.20 -12.31
C4 BGC D . -16.98 5.27 -13.22
C5 BGC D . -18.38 4.82 -13.70
C6 BGC D . -18.99 5.74 -14.73
C1 BGC D . -17.91 2.49 -13.33
O2 BGC D . -16.13 1.80 -11.88
O3 BGC D . -14.96 4.50 -12.04
O4 BGC D . -17.03 6.56 -12.63
O5 BGC D . -18.30 3.47 -14.19
O6 BGC D . -18.17 5.82 -15.93
S SO2 E . 18.34 17.72 9.38
O1 SO2 E . 17.12 18.24 8.84
O2 SO2 E . 19.42 18.63 9.54
C CO2 F . -15.94 -9.01 25.44
O1 CO2 F . -15.91 -7.90 25.06
O2 CO2 F . -15.73 -10.12 25.70
C CO2 G . 26.68 4.86 -11.14
O1 CO2 G . 25.64 4.45 -11.50
O2 CO2 G . 27.58 5.40 -10.61
C ACT H . 39.76 -0.57 -0.36
O ACT H . 38.68 -0.96 0.13
OXT ACT H . 40.10 -0.76 -1.55
CH3 ACT H . 40.72 0.14 0.57
S SO4 I . 6.28 -6.42 4.57
O1 SO4 I . 5.31 -6.87 3.59
O2 SO4 I . 6.24 -7.29 5.74
O3 SO4 I . 5.93 -5.09 4.99
O4 SO4 I . 7.59 -6.43 3.97
C1 EDO J . 22.49 10.17 -14.59
O1 EDO J . 21.16 10.74 -14.73
C2 EDO J . 22.53 8.92 -13.76
O2 EDO J . 23.47 7.95 -14.11
S SO4 K . -18.81 -2.16 -22.32
O1 SO4 K . -19.72 -1.96 -23.43
O2 SO4 K . -19.42 -3.10 -21.41
O3 SO4 K . -18.58 -0.91 -21.65
O4 SO4 K . -17.55 -2.70 -22.81
S SO4 L . 4.11 4.88 -39.18
O1 SO4 L . 4.34 4.19 -40.43
O2 SO4 L . 3.45 3.97 -38.26
O3 SO4 L . 3.27 6.05 -39.43
O4 SO4 L . 5.38 5.29 -38.62
C1 EDO M . -12.77 0.92 -47.85
O1 EDO M . -12.39 2.21 -47.45
C2 EDO M . -13.38 0.16 -46.72
O2 EDO M . -12.82 -1.12 -46.55
C1 BU2 N . 2.28 12.85 -18.07
O1 BU2 N . 2.69 13.20 -19.39
C2 BU2 N . 2.10 14.03 -17.14
C3 BU2 N . 2.76 13.87 -15.81
O3 BU2 N . 3.99 14.55 -15.81
C4 BU2 N . 1.99 14.37 -14.62
#